data_5CC7
#
_entry.id   5CC7
#
_cell.length_a   79.661
_cell.length_b   79.661
_cell.length_c   225.834
_cell.angle_alpha   90.00
_cell.angle_beta   90.00
_cell.angle_gamma   90.00
#
_symmetry.space_group_name_H-M   'P 43 21 2'
#
loop_
_entity.id
_entity.type
_entity.pdbx_description
1 polymer 'Malate synthase G'
2 non-polymer 'MAGNESIUM ION'
3 non-polymer '1H-indole-6-carboxylic acid'
4 water water
#
_entity_poly.entity_id   1
_entity_poly.type   'polypeptide(L)'
_entity_poly.pdbx_seq_one_letter_code
;MTDRVSVGNLRIARVLYDFVNNEALPGTDIDPDSFWAGVDKVVADLTPQNQALLNARDELQAQIDKWHRRRVIEPIDMDA
YRQFLTEIGYLLPEPDDFTITTSGVDAEITTTAGPQLVVPVLNARFALNAANARWGSLYDALYGTDVIPETDGAEKGPTY
NKVRGDKVIAYARKFLDDSVPLSSGSFGDATGFTVQDGQLVVALPDKSTGLANPGQFAGYTGAAESPTSVLLINHGLHIE
ILIDPESQVGTTDRAGVKDVILESAITTIMDFEDSVAAVDAADKVLGYRNWLGLNKGDLAAAVDKDGTAFLRVLNRDRNY
TAPGGGQFTLPGRSLMFVRNVGHLMTNDAIVDTDGSEVFEGIMDALFTGLIAIHGLKASDVNGPLINSRTGSIYIVKPKM
HGPAEVAFTCELFSRVEDVLGLPQNTMKIGIMDEERRTTVNLKACIKAAADRVVFINTGFLDRTGDEIHTSMEAGPMVRK
GTMKSQPWILAYEDHNVDAGLAAGFSGRAQVGKGMWTMTELMADMVETKIAQPRAGASTAWVPSPTAATLHALHYHQVDV
AAVQQGLAGKRRATIEQLLTIPLAKELAWAPDEIREEVDNNCQSILGYVVRWVDQGVGASKVPDIHDVALMEDRATLRIS
SQLLANWLRHGVITSADVRASLERMAPLVDRQNAGDVAYRPMAPNFDDSIAFLAAQELILSGAQQPNGYTEPILHRRRRE
FKARAAEKPAPSDRAGDDAAR
;
_entity_poly.pdbx_strand_id   A
#
# COMPACT_ATOMS: atom_id res chain seq x y z
N THR A 2 34.22 -4.08 17.35
CA THR A 2 32.79 -3.99 17.63
C THR A 2 32.11 -5.36 17.74
N ASP A 3 30.78 -5.35 17.68
CA ASP A 3 29.97 -6.56 17.75
C ASP A 3 29.48 -6.91 16.35
N ARG A 4 30.42 -7.15 15.45
CA ARG A 4 30.11 -7.50 14.08
C ARG A 4 30.78 -8.81 13.69
N VAL A 5 30.26 -9.46 12.66
CA VAL A 5 30.83 -10.72 12.21
C VAL A 5 31.44 -10.50 10.83
N SER A 6 32.68 -10.94 10.65
CA SER A 6 33.36 -10.74 9.36
C SER A 6 33.11 -11.88 8.37
N VAL A 7 32.69 -11.49 7.16
CA VAL A 7 32.44 -12.42 6.08
C VAL A 7 32.85 -11.70 4.81
N GLY A 8 33.96 -12.12 4.22
CA GLY A 8 34.49 -11.41 3.06
C GLY A 8 34.79 -9.96 3.39
N ASN A 9 34.27 -9.05 2.59
CA ASN A 9 34.47 -7.62 2.81
C ASN A 9 33.41 -7.01 3.73
N LEU A 10 32.50 -7.83 4.24
CA LEU A 10 31.38 -7.31 5.01
C LEU A 10 31.50 -7.55 6.51
N ARG A 11 30.95 -6.64 7.30
CA ARG A 11 30.93 -6.75 8.74
C ARG A 11 29.48 -6.67 9.21
N ILE A 12 28.92 -7.83 9.52
CA ILE A 12 27.49 -7.97 9.81
C ILE A 12 27.17 -7.88 11.30
N ALA A 13 26.22 -7.01 11.63
CA ALA A 13 25.74 -6.87 12.99
C ALA A 13 25.35 -8.24 13.55
N ARG A 14 25.88 -8.55 14.72
CA ARG A 14 25.70 -9.87 15.34
C ARG A 14 24.22 -10.23 15.45
N VAL A 15 23.37 -9.25 15.75
CA VAL A 15 21.95 -9.53 15.93
C VAL A 15 21.29 -10.04 14.65
N LEU A 16 21.79 -9.56 13.52
CA LEU A 16 21.31 -9.97 12.20
C LEU A 16 21.91 -11.32 11.79
N TYR A 17 23.22 -11.46 11.98
CA TYR A 17 23.90 -12.73 11.70
C TYR A 17 23.21 -13.87 12.44
N ASP A 18 22.99 -13.68 13.73
CA ASP A 18 22.34 -14.67 14.60
C ASP A 18 20.91 -14.94 14.14
N PHE A 19 20.17 -13.87 13.84
CA PHE A 19 18.80 -14.02 13.35
C PHE A 19 18.78 -14.92 12.14
N VAL A 20 19.60 -14.61 11.15
CA VAL A 20 19.63 -15.40 9.93
C VAL A 20 19.98 -16.87 10.18
N ASN A 21 21.07 -17.11 10.92
CA ASN A 21 21.54 -18.48 11.13
C ASN A 21 20.59 -19.34 11.95
N ASN A 22 19.98 -18.76 12.97
CA ASN A 22 19.18 -19.51 13.92
C ASN A 22 17.68 -19.57 13.60
N GLU A 23 17.20 -18.57 12.86
CA GLU A 23 15.75 -18.42 12.62
C GLU A 23 15.39 -18.48 11.15
N ALA A 24 16.11 -17.73 10.34
CA ALA A 24 15.79 -17.65 8.92
C ALA A 24 16.27 -18.85 8.10
N LEU A 25 17.50 -19.27 8.30
CA LEU A 25 18.09 -20.34 7.47
C LEU A 25 17.53 -21.74 7.72
N PRO A 26 17.34 -22.11 8.99
CA PRO A 26 16.93 -23.49 9.26
C PRO A 26 15.57 -23.83 8.64
N GLY A 27 15.56 -24.86 7.80
CA GLY A 27 14.34 -25.30 7.15
C GLY A 27 14.29 -24.97 5.67
N THR A 28 15.31 -24.27 5.19
CA THR A 28 15.36 -23.88 3.78
C THR A 28 16.26 -24.80 2.93
N ASP A 29 17.12 -25.57 3.60
CA ASP A 29 18.10 -26.41 2.89
C ASP A 29 19.22 -25.60 2.20
N ILE A 30 19.34 -24.32 2.54
CA ILE A 30 20.44 -23.52 2.02
C ILE A 30 21.63 -23.59 2.96
N ASP A 31 22.80 -23.93 2.42
CA ASP A 31 24.01 -23.99 3.23
C ASP A 31 24.36 -22.62 3.79
N PRO A 32 24.38 -22.50 5.12
CA PRO A 32 24.62 -21.22 5.78
C PRO A 32 25.87 -20.48 5.27
N ASP A 33 26.95 -21.22 5.02
CA ASP A 33 28.19 -20.57 4.60
C ASP A 33 28.11 -20.09 3.15
N SER A 34 27.42 -20.86 2.32
CA SER A 34 27.21 -20.47 0.93
C SER A 34 26.28 -19.26 0.86
N PHE A 35 25.34 -19.18 1.80
CA PHE A 35 24.43 -18.05 1.85
C PHE A 35 25.24 -16.80 2.09
N TRP A 36 26.06 -16.82 3.13
CA TRP A 36 26.80 -15.62 3.51
C TRP A 36 27.82 -15.21 2.45
N ALA A 37 28.42 -16.19 1.77
CA ALA A 37 29.29 -15.92 0.65
C ALA A 37 28.52 -15.24 -0.47
N GLY A 38 27.29 -15.70 -0.69
CA GLY A 38 26.43 -15.10 -1.70
C GLY A 38 26.13 -13.64 -1.37
N VAL A 39 25.75 -13.36 -0.13
CA VAL A 39 25.54 -11.98 0.32
C VAL A 39 26.75 -11.09 -0.01
N ASP A 40 27.93 -11.51 0.43
CA ASP A 40 29.16 -10.79 0.15
C ASP A 40 29.34 -10.54 -1.35
N LYS A 41 29.20 -11.60 -2.14
CA LYS A 41 29.37 -11.50 -3.59
C LYS A 41 28.32 -10.60 -4.26
N VAL A 42 27.06 -10.75 -3.89
CA VAL A 42 26.01 -9.91 -4.45
C VAL A 42 26.22 -8.44 -4.10
N VAL A 43 26.51 -8.14 -2.84
CA VAL A 43 26.73 -6.76 -2.43
C VAL A 43 27.91 -6.16 -3.17
N ALA A 44 29.02 -6.90 -3.23
CA ALA A 44 30.20 -6.39 -3.93
C ALA A 44 29.91 -6.15 -5.42
N ASP A 45 29.18 -7.07 -6.05
CA ASP A 45 28.90 -6.97 -7.48
C ASP A 45 27.93 -5.85 -7.88
N LEU A 46 26.88 -5.64 -7.09
CA LEU A 46 25.78 -4.78 -7.52
C LEU A 46 25.83 -3.38 -6.92
N THR A 47 26.70 -3.18 -5.93
CA THR A 47 26.77 -1.90 -5.24
C THR A 47 27.19 -0.74 -6.17
N PRO A 48 28.21 -0.95 -7.03
CA PRO A 48 28.58 0.13 -7.95
C PRO A 48 27.43 0.60 -8.86
N GLN A 49 26.67 -0.33 -9.42
CA GLN A 49 25.56 0.03 -10.32
C GLN A 49 24.45 0.75 -9.54
N ASN A 50 24.20 0.28 -8.33
CA ASN A 50 23.29 0.93 -7.41
C ASN A 50 23.68 2.41 -7.19
N GLN A 51 24.96 2.65 -6.90
CA GLN A 51 25.42 4.01 -6.66
C GLN A 51 25.33 4.89 -7.92
N ALA A 52 25.67 4.31 -9.06
CA ALA A 52 25.64 5.05 -10.32
C ALA A 52 24.20 5.46 -10.69
N LEU A 53 23.25 4.60 -10.39
CA LEU A 53 21.86 4.92 -10.64
C LEU A 53 21.45 6.13 -9.80
N LEU A 54 21.79 6.11 -8.52
CA LEU A 54 21.51 7.25 -7.65
C LEU A 54 22.21 8.53 -8.11
N ASN A 55 23.44 8.39 -8.60
CA ASN A 55 24.19 9.54 -9.10
C ASN A 55 23.48 10.12 -10.33
N ALA A 56 22.99 9.24 -11.19
CA ALA A 56 22.28 9.65 -12.39
C ALA A 56 21.01 10.43 -12.05
N ARG A 57 20.35 10.04 -10.96
CA ARG A 57 19.18 10.79 -10.52
C ARG A 57 19.60 12.23 -10.29
N ASP A 58 20.67 12.39 -9.49
CA ASP A 58 21.16 13.72 -9.13
C ASP A 58 21.51 14.53 -10.36
N GLU A 59 22.19 13.92 -11.32
CA GLU A 59 22.65 14.63 -12.51
C GLU A 59 21.50 15.13 -13.37
N LEU A 60 20.48 14.29 -13.54
CA LEU A 60 19.29 14.68 -14.29
C LEU A 60 18.56 15.83 -13.61
N GLN A 61 18.37 15.72 -12.30
CA GLN A 61 17.71 16.77 -11.53
C GLN A 61 18.45 18.11 -11.63
N ALA A 62 19.79 18.06 -11.58
CA ALA A 62 20.60 19.27 -11.69
C ALA A 62 20.40 19.96 -13.05
N GLN A 63 20.38 19.18 -14.12
CA GLN A 63 20.12 19.70 -15.46
C GLN A 63 18.74 20.33 -15.60
N ILE A 64 17.72 19.66 -15.07
CA ILE A 64 16.37 20.21 -15.11
C ILE A 64 16.30 21.50 -14.28
N ASP A 65 16.88 21.47 -13.08
CA ASP A 65 17.04 22.66 -12.25
C ASP A 65 17.58 23.84 -13.06
N LYS A 66 18.73 23.64 -13.69
CA LYS A 66 19.35 24.72 -14.47
C LYS A 66 18.46 25.14 -15.61
N TRP A 67 17.95 24.17 -16.37
CA TRP A 67 17.06 24.46 -17.49
C TRP A 67 15.99 25.47 -17.09
N HIS A 68 15.34 25.27 -15.95
CA HIS A 68 14.25 26.13 -15.51
C HIS A 68 14.78 27.51 -15.09
N ARG A 69 15.98 27.54 -14.53
CA ARG A 69 16.55 28.79 -14.04
C ARG A 69 16.85 29.74 -15.20
N ARG A 70 17.09 29.19 -16.39
CA ARG A 70 17.42 30.02 -17.53
C ARG A 70 16.22 30.23 -18.45
N ARG A 71 15.00 30.23 -17.91
CA ARG A 71 13.82 30.01 -18.76
C ARG A 71 13.19 31.16 -19.56
N PRO A 75 7.10 31.67 -19.10
CA PRO A 75 6.53 31.69 -20.43
C PRO A 75 7.12 30.45 -21.11
N ILE A 76 6.28 29.41 -21.19
CA ILE A 76 6.73 28.04 -20.91
C ILE A 76 6.51 27.01 -22.02
N ASP A 77 7.54 26.83 -22.84
CA ASP A 77 7.43 26.06 -24.07
C ASP A 77 7.52 24.56 -23.85
N MET A 78 6.40 23.87 -24.02
CA MET A 78 6.33 22.42 -23.83
C MET A 78 7.06 21.63 -24.90
N ASP A 79 6.99 22.09 -26.15
CA ASP A 79 7.75 21.45 -27.23
C ASP A 79 9.24 21.45 -26.93
N ALA A 80 9.71 22.56 -26.36
CA ALA A 80 11.13 22.70 -26.01
C ALA A 80 11.49 21.86 -24.80
N TYR A 81 10.64 21.92 -23.77
CA TYR A 81 10.84 21.17 -22.54
C TYR A 81 10.94 19.68 -22.84
N ARG A 82 10.05 19.21 -23.69
CA ARG A 82 9.96 17.79 -24.01
C ARG A 82 11.16 17.31 -24.83
N GLN A 83 11.66 18.14 -25.73
CA GLN A 83 12.81 17.74 -26.53
C GLN A 83 14.08 17.82 -25.70
N PHE A 84 14.07 18.68 -24.68
CA PHE A 84 15.16 18.74 -23.72
C PHE A 84 15.22 17.49 -22.84
N LEU A 85 14.05 17.03 -22.37
CA LEU A 85 14.00 15.82 -21.54
C LEU A 85 14.48 14.59 -22.31
N THR A 86 14.23 14.58 -23.62
CA THR A 86 14.65 13.47 -24.47
C THR A 86 16.15 13.54 -24.70
N GLU A 87 16.64 14.77 -24.85
CA GLU A 87 18.05 15.01 -25.06
C GLU A 87 18.91 14.47 -23.91
N ILE A 88 18.48 14.69 -22.69
CA ILE A 88 19.29 14.30 -21.53
C ILE A 88 19.01 12.87 -21.09
N GLY A 89 18.13 12.19 -21.81
CA GLY A 89 17.84 10.80 -21.51
C GLY A 89 16.87 10.62 -20.37
N TYR A 90 16.15 11.68 -20.02
CA TYR A 90 15.11 11.61 -19.01
C TYR A 90 13.89 10.92 -19.61
N LEU A 91 13.49 11.39 -20.78
CA LEU A 91 12.39 10.81 -21.53
C LEU A 91 12.98 9.85 -22.56
N LEU A 92 12.69 8.57 -22.44
CA LEU A 92 13.28 7.60 -23.37
C LEU A 92 12.27 7.13 -24.41
N PRO A 93 12.76 6.51 -25.49
CA PRO A 93 11.80 6.06 -26.51
C PRO A 93 10.89 4.98 -25.95
N GLU A 94 9.64 5.03 -26.39
CA GLU A 94 8.67 4.00 -26.02
C GLU A 94 8.84 2.80 -26.95
N PRO A 95 8.96 1.59 -26.37
CA PRO A 95 9.13 0.33 -27.09
C PRO A 95 7.88 -0.04 -27.86
N ASP A 96 7.99 -0.96 -28.81
CA ASP A 96 6.81 -1.48 -29.50
C ASP A 96 5.95 -2.28 -28.55
N ASP A 97 4.67 -2.39 -28.87
CA ASP A 97 3.74 -3.16 -28.07
C ASP A 97 4.28 -4.56 -27.75
N PHE A 98 3.98 -5.04 -26.55
CA PHE A 98 4.37 -6.38 -26.14
C PHE A 98 3.33 -6.85 -25.14
N THR A 99 3.36 -8.14 -24.82
CA THR A 99 2.52 -8.73 -23.77
C THR A 99 3.45 -9.30 -22.71
N ILE A 100 3.13 -9.13 -21.43
CA ILE A 100 3.96 -9.69 -20.37
C ILE A 100 3.90 -11.21 -20.37
N THR A 101 4.95 -11.86 -19.87
CA THR A 101 5.05 -13.31 -19.87
C THR A 101 5.10 -13.94 -18.47
N THR A 102 4.99 -13.11 -17.43
CA THR A 102 5.03 -13.59 -16.04
C THR A 102 4.15 -14.81 -15.82
N SER A 103 4.72 -15.92 -15.34
CA SER A 103 3.91 -17.11 -15.08
C SER A 103 4.06 -17.64 -13.66
N GLY A 104 3.24 -18.63 -13.31
CA GLY A 104 3.30 -19.22 -11.98
C GLY A 104 2.77 -18.28 -10.91
N VAL A 105 1.84 -17.42 -11.32
CA VAL A 105 1.27 -16.40 -10.44
C VAL A 105 -0.10 -16.86 -9.94
N ASP A 106 -0.37 -16.63 -8.66
CA ASP A 106 -1.61 -17.11 -8.05
C ASP A 106 -2.84 -16.35 -8.56
N ALA A 107 -4.02 -16.95 -8.36
CA ALA A 107 -5.28 -16.39 -8.86
C ALA A 107 -5.64 -15.05 -8.20
N GLU A 108 -5.26 -14.89 -6.94
CA GLU A 108 -5.55 -13.65 -6.22
C GLU A 108 -4.95 -12.43 -6.92
N ILE A 109 -3.95 -12.66 -7.78
CA ILE A 109 -3.25 -11.59 -8.47
C ILE A 109 -3.63 -11.50 -9.95
N THR A 110 -3.68 -12.65 -10.62
CA THR A 110 -3.95 -12.70 -12.06
C THR A 110 -5.39 -12.35 -12.38
N THR A 111 -6.29 -12.78 -11.51
CA THR A 111 -7.70 -12.88 -11.87
C THR A 111 -8.66 -12.15 -10.95
N THR A 112 -8.50 -12.32 -9.64
CA THR A 112 -9.44 -11.75 -8.70
C THR A 112 -9.25 -10.24 -8.51
N ALA A 113 -10.30 -9.47 -8.76
CA ALA A 113 -10.27 -8.05 -8.44
C ALA A 113 -10.82 -7.82 -7.03
N GLY A 114 -10.09 -7.04 -6.22
CA GLY A 114 -10.55 -6.73 -4.87
C GLY A 114 -9.54 -5.93 -4.07
N PRO A 115 -9.89 -5.60 -2.82
CA PRO A 115 -9.04 -4.76 -1.96
C PRO A 115 -7.66 -5.36 -1.67
N GLN A 116 -6.68 -4.47 -1.57
CA GLN A 116 -5.33 -4.84 -1.20
C GLN A 116 -4.94 -4.02 0.03
N LEU A 117 -4.64 -4.73 1.10
CA LEU A 117 -4.36 -4.10 2.39
C LEU A 117 -2.85 -3.93 2.60
N VAL A 118 -2.43 -2.75 3.05
CA VAL A 118 -1.04 -2.49 3.37
C VAL A 118 -0.85 -2.23 4.86
N VAL A 119 0.10 -2.93 5.47
CA VAL A 119 0.32 -2.87 6.92
C VAL A 119 1.82 -2.85 7.29
N PRO A 120 2.21 -2.08 8.33
CA PRO A 120 3.60 -2.03 8.81
C PRO A 120 4.03 -3.39 9.35
N VAL A 121 5.04 -3.98 8.73
CA VAL A 121 5.46 -5.31 9.14
C VAL A 121 6.04 -5.34 10.56
N LEU A 122 6.47 -4.19 11.07
CA LEU A 122 7.03 -4.12 12.43
C LEU A 122 5.97 -4.27 13.51
N ASN A 123 4.71 -4.13 13.14
CA ASN A 123 3.62 -4.27 14.08
C ASN A 123 2.98 -5.65 13.92
N ALA A 124 3.35 -6.56 14.81
CA ALA A 124 2.94 -7.96 14.71
C ALA A 124 1.43 -8.13 14.75
N ARG A 125 0.76 -7.44 15.67
CA ARG A 125 -0.69 -7.55 15.78
C ARG A 125 -1.43 -7.03 14.54
N PHE A 126 -0.97 -5.91 14.01
CA PHE A 126 -1.49 -5.40 12.75
C PHE A 126 -1.28 -6.41 11.60
N ALA A 127 -0.08 -6.98 11.50
CA ALA A 127 0.22 -7.91 10.42
C ALA A 127 -0.64 -9.17 10.51
N LEU A 128 -0.84 -9.63 11.74
CA LEU A 128 -1.70 -10.77 12.02
C LEU A 128 -3.14 -10.49 11.55
N ASN A 129 -3.70 -9.37 11.98
CA ASN A 129 -5.06 -9.00 11.53
C ASN A 129 -5.15 -8.86 10.02
N ALA A 130 -4.11 -8.32 9.40
CA ALA A 130 -4.10 -8.17 7.95
C ALA A 130 -4.18 -9.52 7.22
N ALA A 131 -3.33 -10.46 7.61
CA ALA A 131 -3.33 -11.79 7.00
C ALA A 131 -4.68 -12.46 7.20
N ASN A 132 -5.30 -12.21 8.35
CA ASN A 132 -6.60 -12.79 8.67
C ASN A 132 -7.77 -12.01 8.03
N ALA A 133 -7.48 -10.94 7.30
CA ALA A 133 -8.51 -10.05 6.80
C ALA A 133 -9.10 -10.47 5.44
N ARG A 134 -8.75 -11.66 4.98
CA ARG A 134 -9.31 -12.24 3.77
C ARG A 134 -10.82 -12.37 3.91
N TRP A 135 -11.26 -12.63 5.13
CA TRP A 135 -12.68 -12.69 5.45
C TRP A 135 -12.92 -11.71 6.58
N GLY A 136 -14.01 -10.96 6.50
CA GLY A 136 -14.34 -9.97 7.51
C GLY A 136 -15.85 -9.77 7.61
N SER A 137 -16.32 -9.39 8.79
CA SER A 137 -17.75 -9.19 9.04
C SER A 137 -18.25 -7.86 8.48
N LEU A 138 -19.20 -7.91 7.55
CA LEU A 138 -19.84 -6.70 7.04
C LEU A 138 -20.63 -5.98 8.13
N TYR A 139 -21.31 -6.73 8.99
CA TYR A 139 -22.09 -6.11 10.06
C TYR A 139 -21.20 -5.29 10.98
N ASP A 140 -20.05 -5.85 11.36
CA ASP A 140 -19.14 -5.15 12.25
C ASP A 140 -18.62 -3.89 11.58
N ALA A 141 -18.35 -4.01 10.28
CA ALA A 141 -17.79 -2.90 9.52
C ALA A 141 -18.80 -1.75 9.41
N LEU A 142 -20.08 -2.09 9.25
CA LEU A 142 -21.15 -1.08 9.17
C LEU A 142 -21.50 -0.49 10.54
N TYR A 143 -21.62 -1.35 11.53
CA TYR A 143 -22.03 -0.92 12.85
C TYR A 143 -20.98 0.02 13.46
N GLY A 144 -19.72 -0.35 13.29
CA GLY A 144 -18.63 0.35 13.95
C GLY A 144 -18.20 1.64 13.29
N THR A 145 -18.60 1.86 12.05
CA THR A 145 -18.14 3.05 11.33
C THR A 145 -19.28 4.00 11.10
N ASP A 146 -19.01 5.08 10.37
CA ASP A 146 -20.03 6.07 10.09
C ASP A 146 -20.81 5.77 8.81
N VAL A 147 -20.58 4.60 8.22
CA VAL A 147 -21.36 4.21 7.04
C VAL A 147 -22.86 4.27 7.36
N ILE A 148 -23.23 3.79 8.55
CA ILE A 148 -24.57 3.97 9.09
C ILE A 148 -24.57 5.24 9.95
N PRO A 149 -25.30 6.27 9.52
CA PRO A 149 -25.27 7.53 10.27
C PRO A 149 -25.68 7.34 11.73
N GLU A 150 -25.02 8.03 12.65
CA GLU A 150 -25.43 8.00 14.04
C GLU A 150 -26.58 8.99 14.29
N THR A 151 -27.41 9.20 13.27
CA THR A 151 -28.55 10.10 13.40
C THR A 151 -29.39 9.70 14.59
N ASP A 152 -30.22 10.61 15.07
CA ASP A 152 -31.03 10.38 16.25
C ASP A 152 -31.55 8.94 16.27
N GLY A 153 -31.34 8.27 17.41
CA GLY A 153 -31.78 6.90 17.58
C GLY A 153 -30.71 5.84 17.35
N ALA A 154 -29.90 6.05 16.32
CA ALA A 154 -28.96 5.02 15.86
C ALA A 154 -27.55 5.22 16.37
N GLU A 155 -27.39 6.00 17.43
CA GLU A 155 -26.05 6.26 17.95
C GLU A 155 -25.41 5.03 18.59
N LYS A 156 -24.11 4.86 18.36
CA LYS A 156 -23.34 3.84 19.06
C LYS A 156 -23.34 4.17 20.55
N GLY A 157 -23.52 3.15 21.37
CA GLY A 157 -23.49 3.34 22.80
C GLY A 157 -22.47 2.43 23.45
N PRO A 158 -22.51 2.35 24.78
CA PRO A 158 -21.65 1.42 25.51
C PRO A 158 -22.12 -0.01 25.23
N THR A 159 -23.41 -0.17 24.95
CA THR A 159 -23.98 -1.47 24.61
C THR A 159 -24.70 -1.47 23.26
N TYR A 160 -24.97 -2.66 22.74
CA TYR A 160 -25.65 -2.83 21.46
C TYR A 160 -26.92 -1.99 21.34
N ASN A 161 -27.03 -1.27 20.22
CA ASN A 161 -28.21 -0.46 19.91
C ASN A 161 -29.04 -1.12 18.80
N LYS A 162 -30.25 -1.52 19.14
CA LYS A 162 -31.14 -2.25 18.24
C LYS A 162 -31.58 -1.42 17.02
N VAL A 163 -31.77 -0.12 17.22
CA VAL A 163 -32.12 0.77 16.12
C VAL A 163 -30.99 0.78 15.09
N ARG A 164 -29.76 0.89 15.59
CA ARG A 164 -28.59 0.92 14.72
C ARG A 164 -28.39 -0.44 14.04
N GLY A 165 -28.42 -1.51 14.84
CA GLY A 165 -28.31 -2.86 14.33
C GLY A 165 -29.29 -3.14 13.19
N ASP A 166 -30.53 -2.70 13.35
CA ASP A 166 -31.52 -2.88 12.29
C ASP A 166 -31.17 -2.14 10.99
N LYS A 167 -30.59 -0.96 11.08
CA LYS A 167 -30.13 -0.26 9.89
C LYS A 167 -28.97 -1.01 9.23
N VAL A 168 -28.11 -1.60 10.05
CA VAL A 168 -27.01 -2.41 9.54
C VAL A 168 -27.58 -3.60 8.76
N ILE A 169 -28.57 -4.26 9.34
CA ILE A 169 -29.19 -5.42 8.71
C ILE A 169 -29.84 -5.04 7.38
N ALA A 170 -30.56 -3.92 7.37
CA ALA A 170 -31.23 -3.46 6.15
C ALA A 170 -30.20 -3.08 5.08
N TYR A 171 -29.13 -2.42 5.50
CA TYR A 171 -28.05 -2.08 4.59
C TYR A 171 -27.49 -3.34 3.90
N ALA A 172 -27.27 -4.39 4.67
CA ALA A 172 -26.73 -5.64 4.12
C ALA A 172 -27.73 -6.36 3.20
N ARG A 173 -29.02 -6.33 3.55
CA ARG A 173 -30.05 -6.94 2.69
C ARG A 173 -30.10 -6.28 1.32
N LYS A 174 -29.97 -4.95 1.29
CA LYS A 174 -29.96 -4.23 0.03
C LYS A 174 -28.72 -4.62 -0.77
N PHE A 175 -27.57 -4.72 -0.09
CA PHE A 175 -26.35 -5.18 -0.74
C PHE A 175 -26.57 -6.53 -1.42
N LEU A 176 -27.22 -7.46 -0.74
CA LEU A 176 -27.52 -8.77 -1.31
C LEU A 176 -28.43 -8.63 -2.55
N ASP A 177 -29.50 -7.85 -2.42
CA ASP A 177 -30.38 -7.59 -3.55
C ASP A 177 -29.60 -7.07 -4.76
N ASP A 178 -28.63 -6.18 -4.52
CA ASP A 178 -27.88 -5.56 -5.61
C ASP A 178 -26.84 -6.51 -6.18
N SER A 179 -26.33 -7.41 -5.35
CA SER A 179 -25.18 -8.23 -5.73
C SER A 179 -25.57 -9.59 -6.28
N VAL A 180 -26.52 -10.22 -5.61
CA VAL A 180 -26.94 -11.59 -5.92
C VAL A 180 -28.47 -11.65 -5.96
N PRO A 181 -29.08 -10.98 -6.96
CA PRO A 181 -30.53 -10.77 -7.03
C PRO A 181 -31.32 -12.08 -7.03
N LEU A 182 -32.41 -12.14 -6.29
CA LEU A 182 -33.38 -13.25 -6.38
C LEU A 182 -34.17 -13.13 -7.67
N SER A 183 -34.68 -14.26 -8.18
CA SER A 183 -35.51 -14.21 -9.39
C SER A 183 -36.70 -13.26 -9.25
N SER A 184 -37.35 -13.28 -8.09
CA SER A 184 -38.33 -12.27 -7.74
C SER A 184 -38.22 -12.01 -6.23
N GLY A 185 -38.64 -10.82 -5.80
CA GLY A 185 -38.66 -10.50 -4.38
C GLY A 185 -37.32 -9.99 -3.85
N SER A 186 -37.27 -9.73 -2.55
CA SER A 186 -36.08 -9.16 -1.94
C SER A 186 -35.58 -9.99 -0.77
N PHE A 187 -34.26 -10.05 -0.62
CA PHE A 187 -33.67 -10.70 0.53
C PHE A 187 -34.22 -10.08 1.81
N GLY A 188 -34.69 -8.85 1.72
CA GLY A 188 -35.22 -8.18 2.89
C GLY A 188 -36.42 -8.92 3.43
N ASP A 189 -37.06 -9.71 2.57
CA ASP A 189 -38.30 -10.39 2.93
C ASP A 189 -38.10 -11.90 3.07
N ALA A 190 -36.83 -12.32 3.10
CA ALA A 190 -36.50 -13.72 3.28
C ALA A 190 -36.85 -14.23 4.67
N THR A 191 -37.33 -15.47 4.75
CA THR A 191 -37.58 -16.11 6.03
C THR A 191 -36.74 -17.38 6.19
N GLY A 192 -36.17 -17.84 5.09
CA GLY A 192 -35.35 -19.04 5.16
C GLY A 192 -34.54 -19.37 3.92
N PHE A 193 -33.51 -20.18 4.12
CA PHE A 193 -32.69 -20.66 3.02
C PHE A 193 -32.62 -22.19 3.07
N THR A 194 -32.65 -22.82 1.90
CA THR A 194 -32.49 -24.28 1.80
C THR A 194 -31.79 -24.62 0.49
N VAL A 195 -31.18 -25.80 0.44
CA VAL A 195 -30.59 -26.30 -0.80
C VAL A 195 -31.33 -27.55 -1.24
N GLN A 196 -31.82 -27.53 -2.47
CA GLN A 196 -32.61 -28.64 -2.98
C GLN A 196 -32.27 -28.91 -4.43
N ASP A 197 -31.90 -30.17 -4.71
CA ASP A 197 -31.41 -30.55 -6.03
C ASP A 197 -30.25 -29.64 -6.42
N GLY A 198 -29.36 -29.38 -5.46
CA GLY A 198 -28.18 -28.58 -5.69
C GLY A 198 -28.46 -27.12 -6.01
N GLN A 199 -29.60 -26.62 -5.57
CA GLN A 199 -30.02 -25.27 -5.93
C GLN A 199 -30.45 -24.47 -4.71
N LEU A 200 -30.03 -23.21 -4.65
CA LEU A 200 -30.40 -22.34 -3.55
C LEU A 200 -31.85 -21.92 -3.68
N VAL A 201 -32.65 -22.23 -2.67
CA VAL A 201 -34.04 -21.80 -2.65
C VAL A 201 -34.30 -20.87 -1.47
N VAL A 202 -34.84 -19.69 -1.79
CA VAL A 202 -35.09 -18.68 -0.77
C VAL A 202 -36.58 -18.53 -0.48
N ALA A 203 -36.93 -18.70 0.80
CA ALA A 203 -38.32 -18.56 1.23
C ALA A 203 -38.72 -17.11 1.50
N LEU A 204 -39.74 -16.66 0.79
CA LEU A 204 -40.42 -15.39 1.05
C LEU A 204 -41.77 -15.73 1.69
N PRO A 205 -42.44 -14.73 2.30
CA PRO A 205 -43.68 -15.01 3.02
C PRO A 205 -44.74 -15.73 2.19
N ASP A 206 -44.97 -15.23 0.98
CA ASP A 206 -46.03 -15.74 0.10
C ASP A 206 -45.60 -16.95 -0.74
N LYS A 207 -44.35 -16.95 -1.20
CA LYS A 207 -43.85 -18.08 -1.98
C LYS A 207 -42.32 -18.23 -1.83
N SER A 208 -41.72 -19.01 -2.71
CA SER A 208 -40.27 -19.21 -2.69
C SER A 208 -39.68 -18.80 -4.02
N THR A 209 -38.37 -18.55 -4.03
CA THR A 209 -37.67 -18.16 -5.25
C THR A 209 -36.22 -18.65 -5.28
N GLY A 210 -35.57 -18.53 -6.44
CA GLY A 210 -34.17 -18.85 -6.56
C GLY A 210 -33.39 -17.62 -6.98
N LEU A 211 -32.12 -17.78 -7.28
CA LEU A 211 -31.28 -16.67 -7.73
C LEU A 211 -31.55 -16.36 -9.21
N ALA A 212 -31.52 -15.09 -9.57
CA ALA A 212 -31.68 -14.74 -10.98
C ALA A 212 -30.57 -15.42 -11.77
N ASN A 213 -29.38 -15.46 -11.17
CA ASN A 213 -28.25 -16.20 -11.73
C ASN A 213 -27.78 -17.27 -10.76
N PRO A 214 -28.33 -18.50 -10.89
CA PRO A 214 -27.99 -19.61 -10.01
C PRO A 214 -26.50 -19.93 -10.02
N GLY A 215 -25.78 -19.39 -11.01
CA GLY A 215 -24.33 -19.55 -11.06
C GLY A 215 -23.65 -18.91 -9.87
N GLN A 216 -24.35 -18.00 -9.19
CA GLN A 216 -23.79 -17.30 -8.03
C GLN A 216 -23.79 -18.12 -6.75
N PHE A 217 -24.57 -19.19 -6.74
CA PHE A 217 -24.58 -20.07 -5.59
C PHE A 217 -23.32 -20.94 -5.62
N ALA A 218 -22.45 -20.78 -4.62
CA ALA A 218 -21.14 -21.44 -4.64
C ALA A 218 -21.03 -22.60 -3.68
N GLY A 219 -21.81 -22.57 -2.61
CA GLY A 219 -21.76 -23.64 -1.63
C GLY A 219 -22.54 -23.32 -0.38
N TYR A 220 -22.34 -24.12 0.66
CA TYR A 220 -23.03 -23.92 1.91
C TYR A 220 -22.36 -24.71 3.02
N THR A 221 -22.77 -24.49 4.26
CA THR A 221 -22.33 -25.33 5.36
C THR A 221 -23.55 -25.85 6.12
N GLY A 222 -23.36 -26.95 6.84
CA GLY A 222 -24.44 -27.62 7.56
C GLY A 222 -25.31 -28.45 6.62
N ALA A 223 -26.42 -28.96 7.14
CA ALA A 223 -27.38 -29.71 6.32
C ALA A 223 -27.96 -28.86 5.20
N ALA A 224 -28.07 -29.45 4.01
CA ALA A 224 -28.69 -28.78 2.89
C ALA A 224 -30.13 -28.34 3.20
N GLU A 225 -30.79 -29.09 4.08
CA GLU A 225 -32.19 -28.81 4.42
C GLU A 225 -32.31 -27.52 5.20
N SER A 226 -31.37 -27.29 6.11
CA SER A 226 -31.34 -26.04 6.88
C SER A 226 -29.90 -25.60 7.13
N PRO A 227 -29.27 -24.98 6.12
CA PRO A 227 -27.84 -24.69 6.14
C PRO A 227 -27.47 -23.78 7.32
N THR A 228 -26.26 -23.96 7.83
CA THR A 228 -25.74 -23.05 8.85
C THR A 228 -25.15 -21.83 8.15
N SER A 229 -24.96 -21.91 6.84
CA SER A 229 -24.56 -20.76 6.05
C SER A 229 -24.69 -21.01 4.55
N VAL A 230 -24.74 -19.92 3.79
CA VAL A 230 -24.91 -20.00 2.36
C VAL A 230 -23.83 -19.16 1.70
N LEU A 231 -23.16 -19.74 0.71
CA LEU A 231 -22.00 -19.13 0.12
C LEU A 231 -22.28 -18.71 -1.30
N LEU A 232 -22.12 -17.43 -1.57
CA LEU A 232 -22.34 -16.90 -2.90
C LEU A 232 -21.04 -16.39 -3.46
N ILE A 233 -20.99 -16.27 -4.77
CA ILE A 233 -19.84 -15.71 -5.42
C ILE A 233 -20.33 -14.69 -6.43
N ASN A 234 -19.66 -13.55 -6.48
CA ASN A 234 -20.05 -12.49 -7.41
C ASN A 234 -18.81 -11.73 -7.86
N HIS A 235 -18.65 -11.59 -9.16
CA HIS A 235 -17.44 -11.01 -9.72
C HIS A 235 -16.18 -11.66 -9.14
N GLY A 236 -16.29 -12.92 -8.75
CA GLY A 236 -15.14 -13.68 -8.29
C GLY A 236 -14.88 -13.54 -6.80
N LEU A 237 -15.72 -12.76 -6.12
CA LEU A 237 -15.57 -12.57 -4.67
C LEU A 237 -16.69 -13.28 -3.90
N HIS A 238 -16.34 -13.88 -2.77
CA HIS A 238 -17.31 -14.62 -1.98
C HIS A 238 -18.09 -13.79 -0.97
N ILE A 239 -19.35 -14.18 -0.77
CA ILE A 239 -20.23 -13.56 0.18
C ILE A 239 -20.80 -14.70 0.99
N GLU A 240 -20.72 -14.61 2.30
CA GLU A 240 -21.24 -15.70 3.11
C GLU A 240 -22.29 -15.23 4.11
N ILE A 241 -23.51 -15.73 3.95
CA ILE A 241 -24.58 -15.41 4.86
C ILE A 241 -24.60 -16.39 6.01
N LEU A 242 -24.33 -15.90 7.22
CA LEU A 242 -24.32 -16.74 8.40
C LEU A 242 -25.73 -16.91 8.92
N ILE A 243 -26.18 -18.15 9.01
CA ILE A 243 -27.55 -18.42 9.42
C ILE A 243 -27.57 -19.05 10.78
N ASP A 244 -27.99 -18.28 11.78
CA ASP A 244 -27.95 -18.75 13.14
C ASP A 244 -28.99 -18.06 13.98
N PRO A 245 -30.21 -18.62 14.00
CA PRO A 245 -31.34 -18.11 14.78
C PRO A 245 -31.04 -18.06 16.28
N GLU A 246 -30.11 -18.89 16.72
CA GLU A 246 -29.73 -18.95 18.13
C GLU A 246 -29.02 -17.69 18.63
N SER A 247 -28.35 -16.98 17.72
CA SER A 247 -27.56 -15.81 18.08
C SER A 247 -28.42 -14.58 18.35
N GLN A 248 -27.87 -13.66 19.14
CA GLN A 248 -28.54 -12.42 19.51
C GLN A 248 -29.12 -11.63 18.33
N VAL A 249 -28.27 -11.33 17.35
CA VAL A 249 -28.73 -10.65 16.16
C VAL A 249 -29.70 -11.55 15.44
N GLY A 250 -29.32 -12.82 15.28
CA GLY A 250 -30.14 -13.79 14.59
C GLY A 250 -31.55 -13.88 15.14
N THR A 251 -31.70 -13.71 16.45
CA THR A 251 -32.99 -13.79 17.09
C THR A 251 -33.96 -12.71 16.60
N THR A 252 -33.43 -11.52 16.35
CA THR A 252 -34.24 -10.40 15.86
C THR A 252 -34.44 -10.46 14.36
N ASP A 253 -33.60 -11.24 13.67
CA ASP A 253 -33.63 -11.28 12.22
C ASP A 253 -34.80 -12.10 11.68
N ARG A 254 -35.36 -11.65 10.56
CA ARG A 254 -36.48 -12.29 9.90
C ARG A 254 -36.20 -13.70 9.35
N ALA A 255 -34.94 -13.95 9.00
CA ALA A 255 -34.54 -15.24 8.45
C ALA A 255 -33.49 -15.92 9.32
N GLY A 256 -33.37 -15.44 10.57
CA GLY A 256 -32.38 -15.95 11.50
C GLY A 256 -30.96 -15.59 11.14
N VAL A 257 -30.76 -14.66 10.22
CA VAL A 257 -29.40 -14.29 9.81
C VAL A 257 -28.61 -13.58 10.93
N LYS A 258 -27.38 -14.06 11.14
CA LYS A 258 -26.51 -13.50 12.17
C LYS A 258 -25.50 -12.46 11.63
N ASP A 259 -25.07 -12.61 10.38
CA ASP A 259 -24.05 -11.72 9.82
C ASP A 259 -23.89 -12.00 8.34
N VAL A 260 -23.33 -11.04 7.63
CA VAL A 260 -22.89 -11.28 6.28
C VAL A 260 -21.38 -11.09 6.25
N ILE A 261 -20.67 -12.13 5.83
CA ILE A 261 -19.20 -12.13 5.78
C ILE A 261 -18.77 -11.85 4.36
N LEU A 262 -17.87 -10.87 4.20
CA LEU A 262 -17.29 -10.59 2.89
C LEU A 262 -15.84 -11.08 2.78
N GLU A 263 -15.52 -11.75 1.67
CA GLU A 263 -14.13 -11.91 1.27
C GLU A 263 -13.64 -10.50 0.99
N SER A 264 -12.61 -10.05 1.72
CA SER A 264 -12.23 -8.63 1.73
C SER A 264 -10.81 -8.41 1.20
N ALA A 265 -9.81 -8.47 2.08
CA ALA A 265 -8.43 -8.28 1.66
C ALA A 265 -7.95 -9.53 0.93
N ILE A 266 -8.07 -9.52 -0.40
CA ILE A 266 -7.65 -10.68 -1.19
C ILE A 266 -6.13 -10.87 -1.15
N THR A 267 -5.41 -9.76 -1.17
CA THR A 267 -3.96 -9.75 -0.98
C THR A 267 -3.60 -8.70 0.06
N THR A 268 -2.45 -8.89 0.69
CA THR A 268 -1.92 -7.95 1.67
C THR A 268 -0.44 -7.69 1.41
N ILE A 269 -0.02 -6.46 1.64
CA ILE A 269 1.36 -6.08 1.49
C ILE A 269 1.98 -5.81 2.86
N MET A 270 2.88 -6.70 3.27
CA MET A 270 3.62 -6.55 4.52
C MET A 270 4.78 -5.58 4.25
N ASP A 271 4.74 -4.44 4.92
CA ASP A 271 5.54 -3.29 4.49
C ASP A 271 6.79 -3.06 5.32
N PHE A 272 7.95 -3.04 4.66
CA PHE A 272 9.20 -2.63 5.28
C PHE A 272 9.57 -1.18 4.98
N GLU A 273 8.78 -0.50 4.16
CA GLU A 273 9.15 0.85 3.70
C GLU A 273 8.41 1.98 4.44
N ASP A 274 7.59 2.74 3.72
CA ASP A 274 7.07 4.02 4.24
C ASP A 274 6.17 4.01 5.49
N SER A 275 5.60 2.86 5.84
CA SER A 275 4.76 2.80 7.04
C SER A 275 5.53 2.35 8.29
N VAL A 276 6.82 2.03 8.14
CA VAL A 276 7.63 1.66 9.30
C VAL A 276 8.87 2.53 9.50
N ALA A 277 9.36 2.54 10.73
CA ALA A 277 10.57 3.26 11.08
C ALA A 277 11.60 2.24 11.55
N ALA A 278 12.63 2.04 10.73
CA ALA A 278 13.63 1.02 11.02
C ALA A 278 15.00 1.52 10.58
N VAL A 279 15.85 1.84 11.55
CA VAL A 279 17.02 2.67 11.24
C VAL A 279 18.34 2.01 11.56
N ASP A 280 18.28 0.75 11.98
CA ASP A 280 19.47 0.00 12.37
C ASP A 280 19.16 -1.50 12.32
N ALA A 281 20.13 -2.30 12.77
CA ALA A 281 19.98 -3.75 12.65
C ALA A 281 18.91 -4.31 13.59
N ALA A 282 18.75 -3.70 14.76
CA ALA A 282 17.73 -4.18 15.69
C ALA A 282 16.33 -4.02 15.08
N ASP A 283 16.08 -2.87 14.46
CA ASP A 283 14.76 -2.60 13.84
C ASP A 283 14.48 -3.54 12.66
N LYS A 284 15.47 -3.72 11.80
CA LYS A 284 15.32 -4.60 10.64
C LYS A 284 15.03 -6.03 11.07
N VAL A 285 15.77 -6.50 12.08
CA VAL A 285 15.57 -7.85 12.61
C VAL A 285 14.16 -8.07 13.16
N LEU A 286 13.62 -7.07 13.88
CA LEU A 286 12.23 -7.13 14.34
C LEU A 286 11.28 -7.33 13.17
N GLY A 287 11.51 -6.57 12.10
CA GLY A 287 10.69 -6.66 10.91
C GLY A 287 10.84 -8.01 10.24
N TYR A 288 12.08 -8.41 10.00
CA TYR A 288 12.36 -9.70 9.38
C TYR A 288 11.76 -10.85 10.20
N ARG A 289 11.77 -10.71 11.52
CA ARG A 289 11.27 -11.80 12.35
C ARG A 289 9.76 -11.96 12.24
N ASN A 290 9.05 -10.84 12.17
CA ASN A 290 7.60 -10.88 11.93
C ASN A 290 7.28 -11.48 10.57
N TRP A 291 8.00 -11.02 9.55
CA TRP A 291 7.88 -11.60 8.22
C TRP A 291 8.14 -13.11 8.25
N LEU A 292 9.07 -13.56 9.09
CA LEU A 292 9.34 -15.00 9.23
C LEU A 292 8.15 -15.76 9.85
N GLY A 293 7.63 -15.22 10.95
CA GLY A 293 6.48 -15.81 11.63
C GLY A 293 5.26 -15.89 10.75
N LEU A 294 5.13 -14.94 9.81
CA LEU A 294 4.02 -14.94 8.87
C LEU A 294 4.18 -16.08 7.87
N ASN A 295 5.38 -16.23 7.35
CA ASN A 295 5.64 -17.26 6.35
C ASN A 295 5.67 -18.68 6.93
N LYS A 296 6.10 -18.80 8.19
CA LYS A 296 6.13 -20.09 8.88
C LYS A 296 4.74 -20.44 9.40
N GLY A 297 3.86 -19.44 9.43
CA GLY A 297 2.51 -19.63 9.90
C GLY A 297 2.38 -19.74 11.41
N ASP A 298 3.38 -19.26 12.15
CA ASP A 298 3.33 -19.41 13.61
C ASP A 298 3.38 -18.10 14.37
N LEU A 299 3.39 -16.98 13.66
CA LEU A 299 3.30 -15.67 14.32
C LEU A 299 2.06 -15.62 15.18
N ALA A 300 2.24 -15.24 16.44
CA ALA A 300 1.12 -15.21 17.40
C ALA A 300 1.21 -14.06 18.41
N ALA A 301 0.04 -13.60 18.84
CA ALA A 301 -0.10 -12.63 19.94
C ALA A 301 -0.97 -13.23 21.05
N ARG A 312 -3.93 -14.92 20.02
CA ARG A 312 -4.43 -14.86 18.65
C ARG A 312 -3.44 -15.28 17.57
N VAL A 313 -3.92 -16.08 16.63
CA VAL A 313 -3.07 -16.70 15.61
C VAL A 313 -3.64 -16.58 14.19
N LEU A 314 -2.95 -17.19 13.24
CA LEU A 314 -3.35 -17.14 11.82
C LEU A 314 -4.45 -18.14 11.47
N ASN A 315 -5.36 -17.73 10.61
CA ASN A 315 -6.53 -18.54 10.25
C ASN A 315 -6.20 -19.69 9.31
N ARG A 316 -7.00 -20.76 9.41
CA ARG A 316 -6.88 -21.89 8.51
C ARG A 316 -7.86 -21.70 7.35
N ASP A 317 -7.73 -22.53 6.32
CA ASP A 317 -8.66 -22.50 5.20
C ASP A 317 -10.09 -22.81 5.64
N ARG A 318 -11.07 -22.49 4.78
CA ARG A 318 -12.47 -22.68 5.12
C ARG A 318 -13.08 -23.86 4.36
N ASN A 319 -13.84 -24.70 5.07
CA ASN A 319 -14.52 -25.85 4.46
C ASN A 319 -15.95 -25.57 4.02
N TYR A 320 -16.27 -25.94 2.78
CA TYR A 320 -17.65 -25.82 2.31
C TYR A 320 -18.15 -27.09 1.62
N THR A 321 -19.47 -27.21 1.56
CA THR A 321 -20.09 -28.24 0.76
C THR A 321 -20.56 -27.58 -0.54
N ALA A 322 -20.26 -28.21 -1.67
CA ALA A 322 -20.60 -27.62 -2.96
C ALA A 322 -22.09 -27.73 -3.25
N PRO A 323 -22.59 -26.94 -4.20
CA PRO A 323 -24.02 -27.05 -4.57
C PRO A 323 -24.43 -28.52 -4.69
N GLY A 324 -23.63 -29.29 -5.42
CA GLY A 324 -23.89 -30.71 -5.65
C GLY A 324 -23.82 -31.61 -4.42
N GLY A 325 -23.05 -31.22 -3.42
CA GLY A 325 -22.97 -32.01 -2.20
C GLY A 325 -21.56 -32.52 -1.87
N GLY A 326 -20.64 -32.38 -2.81
CA GLY A 326 -19.24 -32.69 -2.53
C GLY A 326 -18.63 -31.71 -1.54
N GLN A 327 -17.32 -31.83 -1.30
CA GLN A 327 -16.61 -30.92 -0.41
C GLN A 327 -15.56 -30.13 -1.18
N PHE A 328 -15.32 -28.89 -0.73
CA PHE A 328 -14.18 -28.12 -1.21
C PHE A 328 -13.68 -27.18 -0.10
N THR A 329 -12.69 -26.36 -0.45
CA THR A 329 -12.07 -25.49 0.54
C THR A 329 -11.72 -24.16 -0.10
N LEU A 330 -11.66 -23.11 0.70
CA LEU A 330 -11.25 -21.79 0.23
C LEU A 330 -10.18 -21.21 1.16
N PRO A 331 -9.19 -20.50 0.58
CA PRO A 331 -8.10 -19.89 1.36
C PRO A 331 -8.63 -19.06 2.51
N GLY A 332 -8.10 -19.27 3.71
CA GLY A 332 -8.54 -18.51 4.87
C GLY A 332 -7.75 -17.22 5.07
N ARG A 333 -6.64 -17.08 4.36
CA ARG A 333 -5.73 -15.96 4.59
C ARG A 333 -5.53 -15.12 3.34
N SER A 334 -5.19 -13.85 3.57
CA SER A 334 -4.81 -12.93 2.51
C SER A 334 -3.48 -13.40 1.91
N LEU A 335 -3.38 -13.39 0.59
CA LEU A 335 -2.11 -13.70 -0.07
C LEU A 335 -1.08 -12.58 0.14
N MET A 336 0.10 -12.94 0.61
CA MET A 336 1.07 -11.94 1.08
C MET A 336 2.11 -11.53 0.03
N PHE A 337 2.21 -10.22 -0.19
CA PHE A 337 3.38 -9.58 -0.82
C PHE A 337 4.24 -9.06 0.32
N VAL A 338 5.51 -8.75 0.04
CA VAL A 338 6.31 -7.96 0.97
C VAL A 338 6.83 -6.72 0.24
N ARG A 339 6.73 -5.54 0.86
CA ARG A 339 7.34 -4.36 0.27
C ARG A 339 8.74 -4.10 0.83
N ASN A 340 9.73 -4.24 -0.05
CA ASN A 340 11.12 -3.94 0.27
C ASN A 340 11.31 -2.44 0.17
N VAL A 341 12.36 -1.90 0.79
CA VAL A 341 12.74 -0.52 0.50
C VAL A 341 13.36 -0.40 -0.91
N GLY A 342 13.42 0.84 -1.40
CA GLY A 342 13.92 1.16 -2.73
C GLY A 342 15.42 1.35 -2.78
N HIS A 343 15.93 1.92 -3.87
CA HIS A 343 17.39 1.94 -4.09
C HIS A 343 18.21 2.96 -3.28
N LEU A 344 17.55 3.88 -2.59
CA LEU A 344 18.27 5.02 -2.02
C LEU A 344 19.11 4.70 -0.80
N MET A 345 18.48 4.12 0.22
CA MET A 345 19.10 4.13 1.54
C MET A 345 20.10 3.02 1.82
N THR A 346 21.03 3.30 2.73
CA THR A 346 21.91 2.28 3.29
C THR A 346 21.45 2.05 4.72
N ASN A 347 21.92 0.97 5.33
CA ASN A 347 21.61 0.67 6.72
C ASN A 347 22.83 0.01 7.34
N ASP A 348 23.11 0.30 8.61
CA ASP A 348 24.36 -0.19 9.22
C ASP A 348 24.22 -1.60 9.77
N ALA A 349 23.10 -2.24 9.46
CA ALA A 349 22.92 -3.66 9.67
C ALA A 349 24.16 -4.41 9.14
N ILE A 350 24.65 -3.96 8.00
CA ILE A 350 25.93 -4.41 7.47
C ILE A 350 26.76 -3.21 7.04
N VAL A 351 28.03 -3.21 7.40
CA VAL A 351 28.99 -2.22 6.88
C VAL A 351 30.17 -2.95 6.23
N ASP A 352 30.87 -2.32 5.29
CA ASP A 352 32.04 -2.97 4.72
C ASP A 352 33.27 -2.64 5.55
N THR A 353 34.43 -3.08 5.10
CA THR A 353 35.66 -2.87 5.86
C THR A 353 35.92 -1.40 6.11
N ASP A 354 35.61 -0.56 5.12
CA ASP A 354 35.81 0.88 5.25
C ASP A 354 34.80 1.49 6.21
N GLY A 355 33.84 0.69 6.68
CA GLY A 355 32.82 1.20 7.57
C GLY A 355 31.59 1.73 6.84
N SER A 356 31.63 1.69 5.51
CA SER A 356 30.51 2.16 4.69
C SER A 356 29.28 1.25 4.88
N GLU A 357 28.13 1.85 5.11
CA GLU A 357 26.89 1.08 5.25
C GLU A 357 26.51 0.46 3.91
N VAL A 358 25.89 -0.71 3.96
CA VAL A 358 25.47 -1.45 2.78
C VAL A 358 24.05 -1.02 2.34
N PHE A 359 23.81 -1.04 1.03
CA PHE A 359 22.50 -0.67 0.48
C PHE A 359 21.36 -1.52 1.06
N GLU A 360 20.33 -0.88 1.59
CA GLU A 360 19.27 -1.57 2.29
C GLU A 360 18.35 -2.38 1.37
N GLY A 361 18.10 -1.85 0.18
CA GLY A 361 17.31 -2.55 -0.83
C GLY A 361 17.96 -3.87 -1.22
N ILE A 362 19.28 -3.85 -1.38
CA ILE A 362 20.02 -5.07 -1.67
C ILE A 362 19.79 -6.08 -0.54
N MET A 363 19.96 -5.62 0.69
CA MET A 363 19.76 -6.51 1.83
C MET A 363 18.33 -7.07 1.95
N ASP A 364 17.34 -6.22 1.67
CA ASP A 364 15.94 -6.65 1.74
C ASP A 364 15.65 -7.78 0.76
N ALA A 365 16.16 -7.67 -0.46
CA ALA A 365 15.95 -8.72 -1.44
C ALA A 365 16.49 -10.05 -0.91
N LEU A 366 17.72 -10.04 -0.41
CA LEU A 366 18.34 -11.24 0.14
C LEU A 366 17.58 -11.81 1.33
N PHE A 367 17.31 -10.98 2.33
CA PHE A 367 16.70 -11.48 3.56
C PHE A 367 15.19 -11.73 3.46
N THR A 368 14.42 -10.81 2.88
CA THR A 368 12.98 -11.09 2.71
C THR A 368 12.77 -12.24 1.71
N GLY A 369 13.63 -12.32 0.71
CA GLY A 369 13.62 -13.44 -0.20
C GLY A 369 13.92 -14.78 0.48
N LEU A 370 14.96 -14.80 1.31
CA LEU A 370 15.29 -16.00 2.07
C LEU A 370 14.09 -16.43 2.92
N ILE A 371 13.52 -15.48 3.63
CA ILE A 371 12.45 -15.75 4.58
C ILE A 371 11.18 -16.24 3.87
N ALA A 372 10.93 -15.70 2.69
CA ALA A 372 9.74 -16.04 1.92
C ALA A 372 9.73 -17.52 1.51
N ILE A 373 10.89 -18.17 1.52
CA ILE A 373 10.94 -19.56 1.11
C ILE A 373 10.05 -20.40 2.02
N HIS A 374 10.05 -20.07 3.30
CA HIS A 374 9.21 -20.78 4.27
C HIS A 374 7.73 -20.81 3.88
N GLY A 375 7.27 -19.75 3.21
CA GLY A 375 5.86 -19.63 2.88
C GLY A 375 5.48 -20.48 1.70
N LEU A 376 6.49 -21.10 1.08
CA LEU A 376 6.29 -21.98 -0.06
C LEU A 376 6.21 -23.42 0.41
N LYS A 377 6.27 -23.60 1.73
CA LYS A 377 6.41 -24.91 2.33
C LYS A 377 5.36 -25.15 3.39
N ALA A 378 4.88 -26.39 3.45
CA ALA A 378 4.00 -26.86 4.50
C ALA A 378 4.53 -26.40 5.84
N SER A 379 3.73 -25.61 6.56
CA SER A 379 4.19 -25.00 7.80
C SER A 379 3.75 -25.78 9.03
N ASP A 380 4.71 -26.27 9.83
CA ASP A 380 4.39 -26.68 11.19
C ASP A 380 3.45 -25.55 11.59
N ILE A 386 1.24 -20.86 5.21
CA ILE A 386 1.58 -21.18 3.83
C ILE A 386 1.01 -20.09 2.88
N ASN A 387 1.80 -19.67 1.88
CA ASN A 387 1.47 -18.55 0.99
C ASN A 387 1.19 -19.04 -0.45
N SER A 388 2.10 -18.76 -1.38
CA SER A 388 1.92 -19.08 -2.81
C SER A 388 1.95 -20.58 -3.18
N ARG A 389 0.82 -21.12 -3.63
CA ARG A 389 0.76 -22.52 -4.02
C ARG A 389 1.37 -22.75 -5.41
N THR A 390 1.55 -21.66 -6.16
CA THR A 390 2.13 -21.75 -7.49
C THR A 390 3.64 -21.58 -7.46
N GLY A 391 4.19 -21.33 -6.28
CA GLY A 391 5.64 -21.25 -6.11
C GLY A 391 6.29 -19.90 -6.38
N SER A 392 5.54 -18.82 -6.24
CA SER A 392 6.10 -17.48 -6.45
C SER A 392 6.32 -16.74 -5.13
N ILE A 393 7.25 -15.79 -5.15
CA ILE A 393 7.50 -14.88 -4.03
C ILE A 393 7.19 -13.46 -4.55
N TYR A 394 6.43 -12.68 -3.78
CA TYR A 394 5.89 -11.43 -4.31
C TYR A 394 6.49 -10.22 -3.61
N ILE A 395 7.34 -9.50 -4.33
CA ILE A 395 8.02 -8.34 -3.75
C ILE A 395 7.56 -7.04 -4.38
N VAL A 396 7.06 -6.11 -3.56
CA VAL A 396 6.75 -4.77 -4.04
C VAL A 396 8.03 -3.94 -3.98
N LYS A 397 8.35 -3.24 -5.06
CA LYS A 397 9.55 -2.41 -5.11
C LYS A 397 9.16 -0.96 -5.37
N PRO A 398 9.35 -0.09 -4.36
CA PRO A 398 8.91 1.30 -4.41
C PRO A 398 9.97 2.26 -4.95
N LYS A 399 9.53 3.45 -5.34
CA LYS A 399 10.44 4.59 -5.57
C LYS A 399 11.49 4.40 -6.64
N MET A 400 11.20 3.61 -7.67
CA MET A 400 12.12 3.48 -8.79
C MET A 400 11.92 4.61 -9.79
N HIS A 401 13.03 5.04 -10.38
CA HIS A 401 13.02 6.12 -11.37
C HIS A 401 13.46 5.58 -12.72
N GLY A 402 12.50 5.13 -13.52
CA GLY A 402 12.81 4.73 -14.89
C GLY A 402 13.24 3.30 -15.11
N PRO A 403 13.30 2.88 -16.39
CA PRO A 403 13.51 1.50 -16.84
C PRO A 403 14.84 0.91 -16.38
N ALA A 404 15.92 1.69 -16.38
CA ALA A 404 17.21 1.14 -15.98
C ALA A 404 17.17 0.71 -14.52
N GLU A 405 16.49 1.50 -13.70
CA GLU A 405 16.34 1.15 -12.28
C GLU A 405 15.46 -0.10 -12.10
N VAL A 406 14.49 -0.28 -12.97
CA VAL A 406 13.69 -1.50 -12.98
C VAL A 406 14.53 -2.71 -13.40
N ALA A 407 15.25 -2.59 -14.52
CA ALA A 407 16.16 -3.66 -14.94
C ALA A 407 17.12 -4.02 -13.81
N PHE A 408 17.65 -3.02 -13.11
CA PHE A 408 18.56 -3.28 -12.00
C PHE A 408 17.89 -4.11 -10.92
N THR A 409 16.65 -3.77 -10.57
CA THR A 409 15.92 -4.54 -9.57
C THR A 409 15.71 -5.99 -10.00
N CYS A 410 15.47 -6.22 -11.28
CA CYS A 410 15.28 -7.58 -11.78
C CYS A 410 16.58 -8.37 -11.74
N GLU A 411 17.67 -7.70 -12.08
CA GLU A 411 18.99 -8.31 -12.02
C GLU A 411 19.30 -8.72 -10.56
N LEU A 412 18.96 -7.85 -9.61
CA LEU A 412 19.13 -8.15 -8.20
C LEU A 412 18.36 -9.40 -7.78
N PHE A 413 17.11 -9.49 -8.21
CA PHE A 413 16.28 -10.64 -7.87
C PHE A 413 16.88 -11.92 -8.46
N SER A 414 17.33 -11.83 -9.72
CA SER A 414 17.98 -12.94 -10.41
C SER A 414 19.23 -13.43 -9.64
N ARG A 415 20.09 -12.49 -9.25
CA ARG A 415 21.27 -12.83 -8.45
C ARG A 415 20.88 -13.42 -7.09
N VAL A 416 19.85 -12.88 -6.46
CA VAL A 416 19.39 -13.41 -5.19
C VAL A 416 18.83 -14.85 -5.34
N GLU A 417 18.08 -15.09 -6.41
CA GLU A 417 17.51 -16.41 -6.67
C GLU A 417 18.64 -17.43 -6.76
N ASP A 418 19.73 -17.02 -7.40
CA ASP A 418 20.92 -17.84 -7.54
C ASP A 418 21.51 -18.17 -6.17
N VAL A 419 21.62 -17.16 -5.31
CA VAL A 419 22.12 -17.39 -3.97
C VAL A 419 21.19 -18.32 -3.18
N LEU A 420 19.88 -18.21 -3.41
CA LEU A 420 18.90 -18.96 -2.65
C LEU A 420 18.57 -20.33 -3.25
N GLY A 421 19.13 -20.61 -4.42
CA GLY A 421 18.89 -21.88 -5.10
C GLY A 421 17.46 -22.00 -5.59
N LEU A 422 16.84 -20.87 -5.87
CA LEU A 422 15.48 -20.83 -6.38
C LEU A 422 15.50 -20.76 -7.90
N PRO A 423 14.45 -21.32 -8.54
CA PRO A 423 14.29 -21.17 -9.98
C PRO A 423 14.36 -19.70 -10.35
N GLN A 424 14.90 -19.39 -11.52
CA GLN A 424 14.87 -18.02 -12.00
C GLN A 424 13.41 -17.54 -12.12
N ASN A 425 13.19 -16.26 -11.81
CA ASN A 425 11.88 -15.62 -11.92
C ASN A 425 10.89 -16.03 -10.84
N THR A 426 11.38 -16.73 -9.81
CA THR A 426 10.57 -17.04 -8.63
C THR A 426 10.10 -15.75 -7.95
N MET A 427 11.03 -14.81 -7.84
CA MET A 427 10.79 -13.55 -7.17
C MET A 427 10.12 -12.55 -8.11
N LYS A 428 8.83 -12.37 -7.90
CA LYS A 428 8.01 -11.52 -8.76
C LYS A 428 8.00 -10.08 -8.23
N ILE A 429 7.73 -9.13 -9.11
CA ILE A 429 7.85 -7.72 -8.76
C ILE A 429 6.54 -6.94 -8.94
N GLY A 430 6.13 -6.26 -7.87
CA GLY A 430 5.08 -5.26 -7.98
C GLY A 430 5.72 -3.91 -8.17
N ILE A 431 5.53 -3.33 -9.34
CA ILE A 431 6.14 -2.04 -9.65
C ILE A 431 5.28 -0.88 -9.17
N MET A 432 5.81 -0.09 -8.24
CA MET A 432 5.17 1.18 -7.89
C MET A 432 5.44 2.20 -8.99
N ASP A 433 4.38 2.85 -9.48
CA ASP A 433 4.50 3.98 -10.40
C ASP A 433 4.28 5.20 -9.54
N GLU A 434 5.36 5.74 -8.98
CA GLU A 434 5.24 6.80 -7.98
C GLU A 434 6.38 7.82 -8.06
N GLU A 435 7.10 7.78 -9.17
CA GLU A 435 8.11 8.77 -9.53
C GLU A 435 7.92 9.15 -11.00
N ARG A 436 8.14 10.42 -11.31
CA ARG A 436 7.86 10.99 -12.63
C ARG A 436 8.63 10.30 -13.77
N ARG A 437 9.91 10.02 -13.54
CA ARG A 437 10.71 9.37 -14.57
C ARG A 437 10.24 7.94 -14.88
N THR A 438 9.56 7.32 -13.92
CA THR A 438 8.86 6.05 -14.16
C THR A 438 7.53 6.26 -14.93
N THR A 439 6.72 7.21 -14.46
CA THR A 439 5.48 7.57 -15.15
C THR A 439 5.64 7.80 -16.66
N VAL A 440 6.57 8.67 -17.05
CA VAL A 440 6.72 9.02 -18.46
C VAL A 440 7.46 7.94 -19.27
N ASN A 441 8.02 6.95 -18.59
CA ASN A 441 8.66 5.81 -19.26
C ASN A 441 8.01 4.48 -18.87
N LEU A 442 6.72 4.53 -18.53
CA LEU A 442 6.08 3.40 -17.87
C LEU A 442 6.09 2.11 -18.68
N LYS A 443 5.82 2.22 -19.98
CA LYS A 443 5.82 1.07 -20.87
C LYS A 443 7.17 0.34 -20.89
N ALA A 444 8.26 1.08 -21.01
CA ALA A 444 9.61 0.50 -20.92
C ALA A 444 9.93 -0.08 -19.53
N CYS A 445 9.42 0.55 -18.48
CA CYS A 445 9.63 0.02 -17.13
C CYS A 445 8.99 -1.36 -16.98
N ILE A 446 7.78 -1.50 -17.52
CA ILE A 446 7.08 -2.77 -17.52
C ILE A 446 7.80 -3.78 -18.40
N LYS A 447 8.27 -3.34 -19.55
CA LYS A 447 8.98 -4.23 -20.47
C LYS A 447 10.23 -4.77 -19.78
N ALA A 448 10.92 -3.90 -19.04
CA ALA A 448 12.13 -4.31 -18.34
C ALA A 448 11.86 -5.46 -17.36
N ALA A 449 10.62 -5.57 -16.88
CA ALA A 449 10.26 -6.64 -15.94
C ALA A 449 9.16 -7.57 -16.50
N ALA A 450 9.12 -7.73 -17.82
CA ALA A 450 8.02 -8.42 -18.48
C ALA A 450 7.79 -9.88 -18.06
N ASP A 451 8.83 -10.54 -17.55
CA ASP A 451 8.67 -11.91 -17.05
C ASP A 451 8.60 -11.99 -15.52
N ARG A 452 8.62 -10.84 -14.84
CA ARG A 452 8.51 -10.86 -13.38
C ARG A 452 7.29 -10.09 -12.83
N VAL A 453 6.82 -9.10 -13.58
CA VAL A 453 5.86 -8.15 -13.06
C VAL A 453 4.48 -8.75 -12.73
N VAL A 454 4.02 -8.55 -11.49
CA VAL A 454 2.68 -8.98 -11.07
C VAL A 454 1.76 -7.83 -10.72
N PHE A 455 2.29 -6.61 -10.70
CA PHE A 455 1.44 -5.43 -10.68
C PHE A 455 2.14 -4.13 -10.98
N ILE A 456 1.35 -3.14 -11.37
CA ILE A 456 1.76 -1.75 -11.36
C ILE A 456 0.75 -1.05 -10.45
N ASN A 457 1.14 0.11 -9.93
CA ASN A 457 0.28 0.78 -8.99
C ASN A 457 0.64 2.26 -8.89
N THR A 458 -0.38 3.12 -8.85
CA THR A 458 -0.15 4.55 -8.77
C THR A 458 -0.02 4.98 -7.33
N GLY A 459 1.23 5.05 -6.87
CA GLY A 459 1.55 5.61 -5.57
C GLY A 459 1.45 7.13 -5.59
N PHE A 460 0.21 7.63 -5.70
CA PHE A 460 -0.05 9.04 -5.99
C PHE A 460 0.57 10.07 -5.03
N LEU A 461 0.77 9.70 -3.77
CA LEU A 461 1.33 10.62 -2.79
C LEU A 461 2.84 10.87 -2.98
N ASP A 462 3.61 9.80 -3.18
CA ASP A 462 5.03 9.94 -3.47
C ASP A 462 5.17 10.65 -4.81
N ARG A 463 4.25 10.31 -5.72
CA ARG A 463 4.27 10.85 -7.06
C ARG A 463 4.14 12.37 -7.04
N THR A 464 3.32 12.89 -6.14
CA THR A 464 3.18 14.34 -5.98
C THR A 464 4.44 14.96 -5.35
N GLY A 465 5.05 14.28 -4.39
CA GLY A 465 6.33 14.73 -3.88
C GLY A 465 7.39 14.82 -4.96
N ASP A 466 7.46 13.81 -5.82
CA ASP A 466 8.41 13.85 -6.92
C ASP A 466 8.08 14.95 -7.94
N GLU A 467 6.79 15.17 -8.18
CA GLU A 467 6.33 16.21 -9.11
C GLU A 467 6.84 17.57 -8.67
N ILE A 468 6.68 17.88 -7.38
CA ILE A 468 7.16 19.13 -6.81
C ILE A 468 8.68 19.26 -6.84
N HIS A 469 9.39 18.21 -6.42
CA HIS A 469 10.84 18.33 -6.39
C HIS A 469 11.42 18.48 -7.79
N THR A 470 10.91 17.71 -8.74
CA THR A 470 11.44 17.75 -10.09
C THR A 470 11.34 19.15 -10.68
N SER A 471 10.22 19.83 -10.45
CA SER A 471 9.99 21.16 -11.01
C SER A 471 10.15 22.28 -9.96
N MET A 472 10.91 21.99 -8.91
CA MET A 472 11.18 22.94 -7.84
C MET A 472 11.54 24.34 -8.35
N GLU A 473 12.36 24.40 -9.39
CA GLU A 473 12.90 25.67 -9.86
C GLU A 473 11.96 26.45 -10.80
N ALA A 474 10.93 25.79 -11.31
CA ALA A 474 10.06 26.41 -12.32
C ALA A 474 9.23 27.56 -11.76
N GLY A 475 8.80 27.44 -10.51
CA GLY A 475 8.00 28.47 -9.87
C GLY A 475 7.23 27.90 -8.70
N PRO A 476 6.38 28.71 -8.07
CA PRO A 476 5.52 28.25 -6.98
C PRO A 476 4.44 27.26 -7.46
N MET A 477 4.26 26.19 -6.68
CA MET A 477 3.29 25.14 -7.01
C MET A 477 1.93 25.45 -6.39
N VAL A 478 0.88 24.85 -6.95
CA VAL A 478 -0.44 24.95 -6.35
C VAL A 478 -0.45 24.31 -4.97
N ARG A 479 -1.42 24.71 -4.16
CA ARG A 479 -1.62 24.16 -2.84
C ARG A 479 -1.79 22.64 -2.86
N LYS A 480 -1.39 22.01 -1.75
CA LYS A 480 -1.38 20.55 -1.65
C LYS A 480 -2.75 19.92 -1.96
N GLY A 481 -3.82 20.52 -1.47
CA GLY A 481 -5.17 20.02 -1.72
C GLY A 481 -5.61 20.18 -3.17
N THR A 482 -4.99 21.11 -3.89
CA THR A 482 -5.28 21.35 -5.30
C THR A 482 -4.64 20.30 -6.21
N MET A 483 -3.53 19.71 -5.73
CA MET A 483 -2.78 18.71 -6.50
C MET A 483 -3.61 17.52 -6.97
N LYS A 484 -4.51 17.01 -6.12
CA LYS A 484 -5.33 15.84 -6.47
C LYS A 484 -6.13 16.01 -7.75
N SER A 485 -6.37 17.25 -8.18
CA SER A 485 -7.22 17.46 -9.34
C SER A 485 -6.50 18.17 -10.48
N GLN A 486 -5.18 18.31 -10.35
CA GLN A 486 -4.38 18.87 -11.43
C GLN A 486 -4.35 17.93 -12.63
N PRO A 487 -4.24 18.49 -13.84
CA PRO A 487 -4.13 17.73 -15.09
C PRO A 487 -3.03 16.65 -15.09
N TRP A 488 -1.85 16.95 -14.54
CA TRP A 488 -0.77 15.97 -14.58
C TRP A 488 -1.16 14.67 -13.88
N ILE A 489 -1.83 14.80 -12.74
CA ILE A 489 -2.16 13.63 -11.92
C ILE A 489 -3.33 12.82 -12.46
N LEU A 490 -4.31 13.49 -13.05
CA LEU A 490 -5.40 12.77 -13.71
C LEU A 490 -4.86 11.99 -14.91
N ALA A 491 -3.93 12.57 -15.66
CA ALA A 491 -3.32 11.89 -16.81
C ALA A 491 -2.46 10.72 -16.34
N TYR A 492 -1.74 10.94 -15.26
CA TYR A 492 -0.90 9.91 -14.65
C TYR A 492 -1.74 8.68 -14.29
N GLU A 493 -2.89 8.91 -13.66
CA GLU A 493 -3.77 7.79 -13.32
C GLU A 493 -4.26 7.00 -14.55
N ASP A 494 -4.74 7.70 -15.57
CA ASP A 494 -5.26 7.01 -16.75
C ASP A 494 -4.12 6.32 -17.55
N HIS A 495 -3.00 7.02 -17.67
CA HIS A 495 -1.82 6.50 -18.37
C HIS A 495 -1.33 5.18 -17.79
N ASN A 496 -1.41 5.07 -16.47
CA ASN A 496 -0.97 3.87 -15.78
C ASN A 496 -1.85 2.67 -16.12
N VAL A 497 -3.17 2.90 -16.10
CA VAL A 497 -4.11 1.87 -16.47
C VAL A 497 -3.96 1.50 -17.96
N ASP A 498 -3.82 2.50 -18.82
CA ASP A 498 -3.62 2.25 -20.25
C ASP A 498 -2.39 1.39 -20.53
N ALA A 499 -1.26 1.74 -19.91
CA ALA A 499 -0.02 0.99 -20.14
C ALA A 499 -0.14 -0.45 -19.64
N GLY A 500 -0.80 -0.63 -18.51
CA GLY A 500 -0.95 -1.96 -17.96
C GLY A 500 -1.77 -2.85 -18.89
N LEU A 501 -2.94 -2.35 -19.29
CA LEU A 501 -3.84 -3.10 -20.17
C LEU A 501 -3.20 -3.40 -21.51
N ALA A 502 -2.47 -2.43 -22.05
CA ALA A 502 -1.76 -2.62 -23.31
C ALA A 502 -0.66 -3.67 -23.18
N ALA A 503 -0.17 -3.89 -21.96
CA ALA A 503 0.88 -4.87 -21.73
C ALA A 503 0.24 -6.20 -21.37
N GLY A 504 -1.09 -6.23 -21.44
CA GLY A 504 -1.84 -7.46 -21.25
C GLY A 504 -2.07 -7.84 -19.79
N PHE A 505 -2.14 -6.84 -18.92
CA PHE A 505 -2.34 -7.12 -17.51
C PHE A 505 -3.68 -7.81 -17.23
N SER A 506 -4.66 -7.58 -18.10
CA SER A 506 -5.97 -8.19 -17.89
C SER A 506 -5.82 -9.71 -17.87
N GLY A 507 -6.19 -10.31 -16.74
CA GLY A 507 -6.05 -11.75 -16.57
C GLY A 507 -4.67 -12.23 -16.14
N ARG A 508 -3.70 -11.32 -16.05
CA ARG A 508 -2.33 -11.72 -15.75
C ARG A 508 -1.71 -11.02 -14.54
N ALA A 509 -2.08 -9.76 -14.30
CA ALA A 509 -1.43 -8.96 -13.27
C ALA A 509 -2.33 -7.81 -12.82
N GLN A 510 -2.09 -7.32 -11.60
CA GLN A 510 -2.94 -6.29 -11.02
C GLN A 510 -2.65 -4.92 -11.61
N VAL A 511 -3.71 -4.14 -11.81
CA VAL A 511 -3.58 -2.71 -12.05
C VAL A 511 -4.14 -2.06 -10.80
N GLY A 512 -3.27 -1.44 -10.00
CA GLY A 512 -3.68 -0.95 -8.69
C GLY A 512 -3.70 0.56 -8.55
N LYS A 513 -4.54 1.05 -7.64
CA LYS A 513 -4.55 2.48 -7.33
C LYS A 513 -4.38 2.73 -5.82
N GLY A 514 -4.36 4.01 -5.44
CA GLY A 514 -3.82 4.45 -4.16
C GLY A 514 -4.62 4.30 -2.88
N MET A 515 -3.98 4.66 -1.77
CA MET A 515 -4.50 4.45 -0.42
C MET A 515 -5.58 5.45 -0.01
N TRP A 516 -6.63 4.98 0.67
CA TRP A 516 -7.59 5.87 1.30
C TRP A 516 -7.09 6.17 2.72
N THR A 517 -6.77 7.42 3.00
CA THR A 517 -6.07 7.78 4.25
C THR A 517 -6.97 8.26 5.39
N MET A 518 -8.24 8.55 5.10
CA MET A 518 -9.16 9.07 6.11
C MET A 518 -9.87 7.95 6.84
N THR A 519 -9.26 7.47 7.92
CA THR A 519 -9.68 6.22 8.56
C THR A 519 -11.04 6.26 9.23
N GLU A 520 -11.51 7.46 9.57
CA GLU A 520 -12.81 7.57 10.22
C GLU A 520 -13.92 7.93 9.24
N LEU A 521 -13.53 8.34 8.03
CA LEU A 521 -14.51 8.75 7.03
C LEU A 521 -14.87 7.60 6.08
N MET A 522 -15.54 6.60 6.64
CA MET A 522 -15.89 5.39 5.89
C MET A 522 -17.10 5.60 4.98
N ALA A 523 -18.09 6.35 5.47
CA ALA A 523 -19.18 6.77 4.59
C ALA A 523 -18.61 7.45 3.34
N ASP A 524 -17.67 8.37 3.55
CA ASP A 524 -17.03 9.05 2.43
C ASP A 524 -16.26 8.06 1.56
N MET A 525 -15.57 7.10 2.18
CA MET A 525 -14.82 6.14 1.38
C MET A 525 -15.76 5.34 0.49
N VAL A 526 -16.82 4.81 1.08
CA VAL A 526 -17.79 4.02 0.34
C VAL A 526 -18.42 4.82 -0.79
N GLU A 527 -18.64 6.11 -0.56
CA GLU A 527 -19.17 7.00 -1.58
C GLU A 527 -18.21 7.26 -2.73
N THR A 528 -16.96 7.56 -2.43
CA THR A 528 -16.07 8.04 -3.50
C THR A 528 -15.08 7.02 -4.07
N LYS A 529 -14.57 6.11 -3.23
CA LYS A 529 -13.49 5.21 -3.66
C LYS A 529 -13.94 4.19 -4.73
N ILE A 530 -15.24 4.17 -5.04
CA ILE A 530 -15.77 3.33 -6.13
C ILE A 530 -15.21 3.79 -7.48
N ALA A 531 -14.71 5.02 -7.52
CA ALA A 531 -14.11 5.55 -8.74
C ALA A 531 -12.91 4.72 -9.21
N GLN A 532 -12.21 4.06 -8.29
CA GLN A 532 -11.01 3.31 -8.67
C GLN A 532 -11.32 2.06 -9.51
N PRO A 533 -12.18 1.16 -9.01
CA PRO A 533 -12.57 0.04 -9.86
C PRO A 533 -13.25 0.52 -11.15
N ARG A 534 -14.02 1.60 -11.07
CA ARG A 534 -14.68 2.13 -12.27
C ARG A 534 -13.64 2.61 -13.29
N ALA A 535 -12.45 2.94 -12.80
CA ALA A 535 -11.36 3.35 -13.68
C ALA A 535 -10.56 2.16 -14.20
N GLY A 536 -11.03 0.95 -13.90
CA GLY A 536 -10.38 -0.25 -14.41
C GLY A 536 -9.28 -0.82 -13.53
N ALA A 537 -9.20 -0.37 -12.28
CA ALA A 537 -8.20 -0.88 -11.35
C ALA A 537 -8.69 -2.19 -10.76
N SER A 538 -7.88 -3.24 -10.91
CA SER A 538 -8.26 -4.54 -10.35
C SER A 538 -8.01 -4.60 -8.86
N THR A 539 -7.30 -3.61 -8.33
CA THR A 539 -7.08 -3.50 -6.88
C THR A 539 -6.78 -2.07 -6.45
N ALA A 540 -7.03 -1.78 -5.18
CA ALA A 540 -6.67 -0.48 -4.61
C ALA A 540 -6.42 -0.63 -3.11
N TRP A 541 -5.72 0.35 -2.54
CA TRP A 541 -5.18 0.23 -1.20
C TRP A 541 -6.13 0.72 -0.11
N VAL A 542 -6.20 -0.06 0.96
CA VAL A 542 -6.98 0.30 2.12
C VAL A 542 -6.05 0.18 3.32
N PRO A 543 -6.38 0.89 4.41
CA PRO A 543 -5.52 1.01 5.60
C PRO A 543 -5.74 -0.09 6.65
N SER A 544 -6.90 -0.72 6.64
CA SER A 544 -7.25 -1.65 7.72
C SER A 544 -8.24 -2.72 7.25
N PRO A 545 -8.39 -3.79 8.03
CA PRO A 545 -9.33 -4.87 7.72
C PRO A 545 -10.74 -4.34 7.51
N THR A 546 -11.15 -3.40 8.34
CA THR A 546 -12.48 -2.83 8.27
C THR A 546 -12.68 -2.09 6.96
N ALA A 547 -11.65 -1.36 6.52
CA ALA A 547 -11.75 -0.62 5.27
C ALA A 547 -11.76 -1.57 4.07
N ALA A 548 -11.09 -2.72 4.20
CA ALA A 548 -11.09 -3.69 3.09
C ALA A 548 -12.48 -4.29 2.88
N THR A 549 -13.20 -4.51 3.99
CA THR A 549 -14.54 -5.06 3.96
C THR A 549 -15.50 -4.10 3.29
N LEU A 550 -15.40 -2.82 3.63
CA LEU A 550 -16.24 -1.80 3.04
C LEU A 550 -15.84 -1.55 1.58
N HIS A 551 -14.53 -1.53 1.30
CA HIS A 551 -14.07 -1.37 -0.07
C HIS A 551 -14.46 -2.57 -0.95
N ALA A 552 -14.59 -3.75 -0.36
CA ALA A 552 -15.09 -4.93 -1.06
C ALA A 552 -16.45 -4.67 -1.74
N LEU A 553 -17.31 -3.88 -1.11
CA LEU A 553 -18.60 -3.53 -1.72
C LEU A 553 -18.46 -3.01 -3.14
N HIS A 554 -17.45 -2.18 -3.38
CA HIS A 554 -17.26 -1.59 -4.69
C HIS A 554 -17.06 -2.61 -5.81
N TYR A 555 -16.37 -3.70 -5.49
CA TYR A 555 -16.05 -4.73 -6.48
C TYR A 555 -17.28 -5.57 -6.82
N HIS A 556 -18.24 -5.63 -5.91
CA HIS A 556 -19.53 -6.25 -6.21
C HIS A 556 -20.40 -5.39 -7.13
N GLN A 557 -20.24 -4.07 -7.02
CA GLN A 557 -21.02 -3.17 -7.85
C GLN A 557 -20.41 -3.05 -9.24
N VAL A 558 -19.09 -2.90 -9.29
CA VAL A 558 -18.42 -2.70 -10.57
C VAL A 558 -17.90 -4.02 -11.13
N ASP A 559 -18.09 -4.25 -12.42
CA ASP A 559 -17.52 -5.39 -13.12
C ASP A 559 -16.16 -5.02 -13.69
N VAL A 560 -15.11 -5.13 -12.87
CA VAL A 560 -13.78 -4.66 -13.28
C VAL A 560 -13.29 -5.32 -14.58
N ALA A 561 -13.50 -6.62 -14.71
CA ALA A 561 -13.12 -7.32 -15.93
C ALA A 561 -13.74 -6.66 -17.16
N ALA A 562 -15.06 -6.43 -17.08
CA ALA A 562 -15.77 -5.78 -18.16
C ALA A 562 -15.21 -4.38 -18.39
N VAL A 563 -14.99 -3.64 -17.31
CA VAL A 563 -14.46 -2.29 -17.43
C VAL A 563 -13.12 -2.34 -18.16
N GLN A 564 -12.25 -3.26 -17.75
CA GLN A 564 -10.96 -3.41 -18.41
C GLN A 564 -11.11 -3.74 -19.90
N GLN A 565 -12.03 -4.64 -20.23
CA GLN A 565 -12.20 -5.01 -21.63
C GLN A 565 -12.61 -3.80 -22.45
N GLY A 566 -13.45 -2.95 -21.86
CA GLY A 566 -13.93 -1.77 -22.57
C GLY A 566 -12.84 -0.72 -22.77
N LEU A 567 -11.87 -0.69 -21.85
CA LEU A 567 -10.79 0.29 -21.93
C LEU A 567 -9.72 -0.07 -22.95
N ALA A 568 -9.75 -1.31 -23.45
CA ALA A 568 -8.65 -1.88 -24.22
C ALA A 568 -8.26 -1.07 -25.45
N GLY A 569 -6.95 -0.84 -25.59
CA GLY A 569 -6.42 -0.15 -26.74
C GLY A 569 -6.67 1.35 -26.74
N LYS A 570 -7.30 1.85 -25.68
CA LYS A 570 -7.48 3.29 -25.54
C LYS A 570 -6.18 3.95 -25.11
N ARG A 571 -5.94 5.14 -25.64
CA ARG A 571 -4.79 5.93 -25.24
C ARG A 571 -5.29 7.28 -24.79
N ARG A 572 -5.49 7.41 -23.48
CA ARG A 572 -6.25 8.52 -22.93
C ARG A 572 -5.41 9.65 -22.33
N ALA A 573 -4.10 9.47 -22.28
CA ALA A 573 -3.21 10.50 -21.77
C ALA A 573 -2.01 10.72 -22.68
N THR A 574 -1.76 11.97 -23.05
CA THR A 574 -0.60 12.30 -23.85
C THR A 574 0.60 12.56 -22.97
N ILE A 575 1.80 12.45 -23.57
CA ILE A 575 3.02 12.86 -22.92
C ILE A 575 2.93 14.32 -22.47
N GLU A 576 2.36 15.18 -23.31
CA GLU A 576 2.18 16.59 -22.95
C GLU A 576 1.32 16.75 -21.71
N GLN A 577 0.29 15.91 -21.60
CA GLN A 577 -0.55 15.94 -20.41
C GLN A 577 0.22 15.50 -19.17
N LEU A 578 1.00 14.43 -19.31
CA LEU A 578 1.83 13.92 -18.22
C LEU A 578 2.78 14.99 -17.68
N LEU A 579 3.32 15.80 -18.58
CA LEU A 579 4.37 16.77 -18.27
C LEU A 579 3.87 18.14 -17.81
N THR A 580 2.57 18.28 -17.64
CA THR A 580 2.01 19.58 -17.31
C THR A 580 2.29 19.92 -15.85
N ILE A 581 3.25 20.80 -15.63
CA ILE A 581 3.69 21.17 -14.28
C ILE A 581 2.63 21.93 -13.50
N PRO A 582 2.36 21.53 -12.26
CA PRO A 582 1.29 22.18 -11.49
C PRO A 582 1.65 23.53 -10.87
N LEU A 583 2.23 24.43 -11.67
CA LEU A 583 2.52 25.79 -11.21
C LEU A 583 1.24 26.57 -10.86
N ALA A 584 1.34 27.41 -9.83
CA ALA A 584 0.21 28.24 -9.46
C ALA A 584 0.14 29.46 -10.37
N LYS A 585 -1.06 30.00 -10.54
CA LYS A 585 -1.25 31.21 -11.34
C LYS A 585 -0.73 32.41 -10.57
N GLU A 586 -0.39 33.46 -11.30
CA GLU A 586 0.13 34.67 -10.69
C GLU A 586 -0.80 35.13 -9.57
N LEU A 587 -0.23 35.42 -8.41
CA LEU A 587 -1.00 35.98 -7.30
C LEU A 587 -2.31 35.22 -7.07
N ALA A 588 -2.24 33.91 -6.96
CA ALA A 588 -3.45 33.09 -6.84
C ALA A 588 -4.05 33.07 -5.43
N TRP A 589 -3.32 33.56 -4.44
CA TRP A 589 -3.70 33.34 -3.03
C TRP A 589 -3.74 34.60 -2.18
N ALA A 590 -4.84 34.75 -1.45
CA ALA A 590 -4.92 35.80 -0.45
C ALA A 590 -3.98 35.47 0.70
N PRO A 591 -3.57 36.50 1.46
CA PRO A 591 -2.66 36.28 2.58
C PRO A 591 -3.15 35.21 3.54
N ASP A 592 -4.46 35.12 3.77
CA ASP A 592 -5.00 34.20 4.77
C ASP A 592 -4.97 32.74 4.29
N GLU A 593 -5.12 32.54 2.98
CA GLU A 593 -5.04 31.21 2.40
C GLU A 593 -3.63 30.68 2.48
N ILE A 594 -2.65 31.55 2.21
CA ILE A 594 -1.24 31.18 2.34
C ILE A 594 -0.94 30.68 3.76
N ARG A 595 -1.31 31.50 4.74
CA ARG A 595 -1.06 31.16 6.14
C ARG A 595 -1.66 29.81 6.46
N GLU A 596 -2.85 29.55 5.93
CA GLU A 596 -3.54 28.30 6.22
C GLU A 596 -2.80 27.10 5.63
N GLU A 597 -2.31 27.27 4.41
CA GLU A 597 -1.54 26.21 3.76
C GLU A 597 -0.27 25.94 4.56
N VAL A 598 0.40 27.01 5.00
CA VAL A 598 1.62 26.85 5.80
C VAL A 598 1.36 26.11 7.12
N ASP A 599 0.37 26.58 7.88
CA ASP A 599 0.04 25.95 9.15
C ASP A 599 -0.35 24.51 8.93
N ASN A 600 -1.12 24.28 7.86
CA ASN A 600 -1.60 22.93 7.62
C ASN A 600 -0.43 21.99 7.38
N ASN A 601 0.49 22.42 6.54
CA ASN A 601 1.63 21.60 6.20
C ASN A 601 2.57 21.37 7.38
N CYS A 602 2.81 22.43 8.17
CA CYS A 602 3.66 22.32 9.34
C CYS A 602 3.03 21.39 10.37
N GLN A 603 1.71 21.47 10.50
CA GLN A 603 0.99 20.65 11.45
C GLN A 603 1.14 19.16 11.12
N SER A 604 0.98 18.82 9.85
CA SER A 604 1.06 17.43 9.46
C SER A 604 2.48 16.90 9.51
N ILE A 605 3.45 17.73 9.15
CA ILE A 605 4.86 17.37 9.27
C ILE A 605 5.21 17.06 10.71
N LEU A 606 4.93 18.02 11.61
CA LEU A 606 5.21 17.85 13.04
C LEU A 606 4.49 16.67 13.68
N GLY A 607 3.21 16.49 13.37
CA GLY A 607 2.42 15.40 13.95
C GLY A 607 2.95 14.03 13.58
N TYR A 608 3.40 13.89 12.34
CA TYR A 608 3.98 12.63 11.89
C TYR A 608 5.42 12.42 12.41
N VAL A 609 6.28 13.40 12.18
CA VAL A 609 7.67 13.33 12.61
C VAL A 609 7.86 13.06 14.12
N VAL A 610 7.04 13.69 14.95
CA VAL A 610 7.24 13.54 16.40
C VAL A 610 7.12 12.07 16.82
N ARG A 611 6.15 11.36 16.26
CA ARG A 611 5.98 9.95 16.56
C ARG A 611 7.05 9.08 15.90
N TRP A 612 7.53 9.53 14.74
CA TRP A 612 8.56 8.82 13.98
C TRP A 612 9.88 8.89 14.74
N VAL A 613 10.27 10.11 15.12
CA VAL A 613 11.53 10.34 15.78
C VAL A 613 11.55 9.86 17.24
N ASP A 614 10.46 10.09 17.96
CA ASP A 614 10.41 9.77 19.39
C ASP A 614 10.07 8.31 19.68
N GLN A 615 9.22 7.70 18.85
CA GLN A 615 8.73 6.36 19.18
C GLN A 615 8.95 5.29 18.11
N GLY A 616 9.61 5.63 17.02
CA GLY A 616 9.87 4.68 15.96
C GLY A 616 8.58 4.20 15.31
N VAL A 617 7.61 5.10 15.22
CA VAL A 617 6.30 4.78 14.65
C VAL A 617 6.19 5.43 13.28
N GLY A 618 6.12 4.60 12.24
CA GLY A 618 6.16 5.09 10.87
C GLY A 618 4.81 5.36 10.24
N ALA A 619 3.74 5.05 10.96
CA ALA A 619 2.40 5.31 10.46
C ALA A 619 1.43 5.39 11.63
N SER A 620 0.62 6.45 11.65
CA SER A 620 -0.29 6.66 12.77
C SER A 620 -1.41 7.63 12.41
N LYS A 621 -2.60 7.40 12.97
CA LYS A 621 -3.72 8.32 12.77
C LYS A 621 -3.37 9.70 13.35
N VAL A 622 -3.09 10.66 12.48
CA VAL A 622 -2.76 12.01 12.93
C VAL A 622 -3.78 13.06 12.51
N PRO A 623 -4.49 13.65 13.49
CA PRO A 623 -5.48 14.66 13.13
C PRO A 623 -4.78 15.78 12.37
N ASP A 624 -5.38 16.25 11.28
CA ASP A 624 -4.80 17.39 10.58
C ASP A 624 -5.24 18.67 11.29
N ILE A 625 -5.19 19.79 10.58
CA ILE A 625 -5.63 21.06 11.16
C ILE A 625 -7.14 21.04 11.45
N HIS A 626 -7.93 20.76 10.43
CA HIS A 626 -9.38 20.68 10.58
C HIS A 626 -9.76 19.50 11.47
N ASP A 627 -8.74 18.81 11.97
CA ASP A 627 -8.92 17.78 12.99
C ASP A 627 -9.48 16.44 12.46
N VAL A 628 -9.37 16.23 11.15
CA VAL A 628 -9.72 14.93 10.56
C VAL A 628 -8.57 13.94 10.76
N ALA A 629 -8.91 12.71 11.13
CA ALA A 629 -7.90 11.70 11.35
C ALA A 629 -7.34 11.19 10.02
N LEU A 630 -6.06 11.47 9.78
CA LEU A 630 -5.39 10.99 8.59
C LEU A 630 -4.34 9.95 8.98
N MET A 631 -4.34 8.81 8.29
CA MET A 631 -3.24 7.87 8.45
C MET A 631 -1.98 8.43 7.83
N GLU A 632 -1.76 8.07 6.57
CA GLU A 632 -0.61 8.56 5.83
C GLU A 632 0.70 7.97 6.35
N ASP A 633 1.77 8.18 5.58
CA ASP A 633 3.07 7.65 5.93
C ASP A 633 4.14 8.63 5.47
N ARG A 634 5.35 8.13 5.25
CA ARG A 634 6.47 8.98 4.85
C ARG A 634 6.19 9.86 3.64
N ALA A 635 5.42 9.34 2.69
CA ALA A 635 5.13 10.05 1.47
C ALA A 635 4.37 11.36 1.70
N THR A 636 3.52 11.39 2.74
CA THR A 636 2.75 12.60 2.99
C THR A 636 3.67 13.65 3.60
N LEU A 637 4.69 13.17 4.27
CA LEU A 637 5.78 14.02 4.73
C LEU A 637 6.58 14.59 3.56
N ARG A 638 6.79 13.77 2.52
CA ARG A 638 7.55 14.21 1.35
C ARG A 638 6.79 15.36 0.65
N ILE A 639 5.49 15.16 0.45
CA ILE A 639 4.66 16.20 -0.15
C ILE A 639 4.73 17.51 0.64
N SER A 640 4.46 17.44 1.94
CA SER A 640 4.35 18.66 2.74
C SER A 640 5.65 19.44 2.81
N SER A 641 6.76 18.76 3.07
CA SER A 641 8.05 19.41 3.16
C SER A 641 8.47 20.02 1.81
N GLN A 642 8.22 19.31 0.71
CA GLN A 642 8.60 19.83 -0.60
C GLN A 642 7.76 21.06 -1.00
N LEU A 643 6.48 21.04 -0.66
CA LEU A 643 5.61 22.17 -0.97
C LEU A 643 6.10 23.41 -0.21
N LEU A 644 6.30 23.29 1.09
CA LEU A 644 6.82 24.42 1.85
C LEU A 644 8.20 24.84 1.35
N ALA A 645 9.07 23.85 1.06
CA ALA A 645 10.39 24.18 0.53
C ALA A 645 10.27 24.96 -0.79
N ASN A 646 9.30 24.56 -1.62
CA ASN A 646 9.02 25.26 -2.87
C ASN A 646 8.49 26.69 -2.67
N TRP A 647 7.59 26.87 -1.71
CA TRP A 647 7.07 28.21 -1.44
C TRP A 647 8.15 29.14 -0.89
N LEU A 648 8.95 28.62 0.03
CA LEU A 648 10.09 29.37 0.55
C LEU A 648 11.07 29.71 -0.56
N ARG A 649 11.36 28.73 -1.43
CA ARG A 649 12.32 28.93 -2.52
C ARG A 649 11.91 30.08 -3.43
N HIS A 650 10.61 30.22 -3.67
CA HIS A 650 10.14 31.23 -4.60
C HIS A 650 9.52 32.47 -3.93
N GLY A 651 9.71 32.60 -2.62
CA GLY A 651 9.31 33.80 -1.92
C GLY A 651 7.83 33.98 -1.62
N VAL A 652 7.06 32.89 -1.65
CA VAL A 652 5.65 32.96 -1.24
C VAL A 652 5.55 33.20 0.26
N ILE A 653 6.49 32.62 1.00
CA ILE A 653 6.55 32.75 2.44
C ILE A 653 8.00 33.08 2.84
N THR A 654 8.20 33.59 4.05
CA THR A 654 9.55 33.90 4.52
C THR A 654 9.99 32.88 5.54
N SER A 655 11.28 32.93 5.92
CA SER A 655 11.80 31.98 6.88
C SER A 655 11.18 32.20 8.25
N ALA A 656 10.83 33.44 8.54
CA ALA A 656 10.14 33.74 9.79
C ALA A 656 8.74 33.13 9.77
N ASP A 657 8.10 33.14 8.61
CA ASP A 657 6.79 32.49 8.47
C ASP A 657 6.85 31.02 8.85
N VAL A 658 7.83 30.32 8.28
CA VAL A 658 7.98 28.90 8.54
C VAL A 658 8.20 28.67 10.02
N ARG A 659 9.19 29.35 10.57
CA ARG A 659 9.52 29.19 11.98
C ARG A 659 8.33 29.49 12.87
N ALA A 660 7.63 30.58 12.59
CA ALA A 660 6.49 30.96 13.42
C ALA A 660 5.42 29.88 13.34
N SER A 661 5.17 29.41 12.12
CA SER A 661 4.14 28.38 11.95
C SER A 661 4.53 27.12 12.72
N LEU A 662 5.78 26.68 12.58
CA LEU A 662 6.26 25.51 13.33
C LEU A 662 6.10 25.67 14.85
N GLU A 663 6.40 26.85 15.39
CA GLU A 663 6.28 27.05 16.84
C GLU A 663 4.82 27.10 17.26
N ARG A 664 3.97 27.54 16.35
CA ARG A 664 2.54 27.65 16.60
C ARG A 664 1.86 26.29 16.60
N MET A 665 2.24 25.46 15.63
CA MET A 665 1.60 24.16 15.47
C MET A 665 2.14 23.14 16.44
N ALA A 666 3.38 23.36 16.91
CA ALA A 666 4.02 22.40 17.81
C ALA A 666 3.20 22.08 19.07
N PRO A 667 2.77 23.13 19.82
CA PRO A 667 1.99 22.89 21.04
C PRO A 667 0.66 22.20 20.75
N LEU A 668 0.08 22.48 19.59
CA LEU A 668 -1.17 21.80 19.25
C LEU A 668 -0.88 20.32 19.12
N VAL A 669 0.12 19.98 18.32
CA VAL A 669 0.53 18.59 18.16
C VAL A 669 0.76 17.91 19.52
N ASP A 670 1.49 18.60 20.40
CA ASP A 670 1.74 18.10 21.76
C ASP A 670 0.42 17.78 22.44
N ARG A 671 -0.55 18.67 22.23
CA ARG A 671 -1.85 18.59 22.86
C ARG A 671 -2.69 17.48 22.24
N GLN A 672 -2.61 17.36 20.93
CA GLN A 672 -3.30 16.30 20.20
C GLN A 672 -2.81 14.91 20.65
N ASN A 673 -1.64 14.86 21.29
CA ASN A 673 -1.08 13.62 21.81
C ASN A 673 -1.37 13.42 23.31
N ALA A 678 3.25 8.46 27.35
CA ALA A 678 4.45 7.89 26.74
C ALA A 678 5.03 8.92 25.76
N TYR A 679 4.40 10.10 25.74
CA TYR A 679 4.76 11.18 24.82
C TYR A 679 5.72 12.19 25.46
N ARG A 680 6.44 12.93 24.63
CA ARG A 680 7.36 13.97 25.09
C ARG A 680 7.15 15.27 24.30
N PRO A 681 6.67 16.32 24.98
CA PRO A 681 6.30 17.60 24.36
C PRO A 681 7.46 18.26 23.61
N MET A 682 7.18 18.86 22.46
CA MET A 682 8.21 19.58 21.71
C MET A 682 8.41 20.98 22.29
N ALA A 683 7.30 21.64 22.58
CA ALA A 683 7.31 22.97 23.18
C ALA A 683 7.63 22.88 24.68
N PRO A 684 8.17 23.97 25.25
CA PRO A 684 8.50 25.24 24.57
C PRO A 684 9.97 25.29 24.17
N ASN A 685 10.73 24.26 24.52
CA ASN A 685 12.16 24.25 24.26
C ASN A 685 12.50 23.64 22.91
N PHE A 686 12.00 24.24 21.84
CA PHE A 686 12.13 23.70 20.49
C PHE A 686 13.57 23.34 20.09
N ASP A 687 14.52 24.22 20.41
CA ASP A 687 15.88 23.98 19.98
C ASP A 687 16.47 22.76 20.64
N ASP A 688 15.83 22.30 21.71
CA ASP A 688 16.27 21.10 22.42
C ASP A 688 15.49 19.84 22.00
N SER A 689 14.57 19.99 21.05
CA SER A 689 13.74 18.86 20.63
C SER A 689 14.23 18.27 19.32
N ILE A 690 14.66 17.02 19.36
CA ILE A 690 15.17 16.36 18.16
C ILE A 690 14.08 16.24 17.10
N ALA A 691 12.87 15.89 17.54
CA ALA A 691 11.72 15.82 16.65
C ALA A 691 11.44 17.18 16.01
N PHE A 692 11.40 18.24 16.81
CA PHE A 692 11.12 19.57 16.26
C PHE A 692 12.15 19.96 15.21
N LEU A 693 13.43 19.76 15.53
CA LEU A 693 14.54 20.09 14.63
C LEU A 693 14.54 19.24 13.35
N ALA A 694 14.06 18.00 13.45
CA ALA A 694 13.92 17.18 12.25
C ALA A 694 12.86 17.77 11.32
N ALA A 695 11.73 18.17 11.90
CA ALA A 695 10.66 18.76 11.11
C ALA A 695 11.16 20.02 10.43
N GLN A 696 11.90 20.83 11.18
CA GLN A 696 12.45 22.07 10.65
C GLN A 696 13.44 21.80 9.54
N GLU A 697 14.29 20.80 9.77
CA GLU A 697 15.30 20.44 8.79
C GLU A 697 14.67 19.97 7.49
N LEU A 698 13.62 19.15 7.61
CA LEU A 698 12.92 18.66 6.43
C LEU A 698 12.47 19.80 5.52
N ILE A 699 11.96 20.87 6.10
CA ILE A 699 11.55 22.04 5.33
C ILE A 699 12.74 22.88 4.84
N LEU A 700 13.55 23.36 5.77
CA LEU A 700 14.65 24.28 5.40
C LEU A 700 15.75 23.64 4.53
N SER A 701 15.87 22.31 4.59
CA SER A 701 16.82 21.61 3.74
C SER A 701 16.13 20.85 2.62
N GLY A 702 14.80 20.95 2.56
CA GLY A 702 14.01 20.19 1.61
C GLY A 702 14.50 20.23 0.18
N ALA A 703 14.84 21.43 -0.28
CA ALA A 703 15.25 21.60 -1.67
C ALA A 703 16.52 20.81 -2.02
N GLN A 704 17.34 20.51 -1.02
CA GLN A 704 18.61 19.81 -1.24
C GLN A 704 18.54 18.30 -1.03
N GLN A 705 17.37 17.81 -0.65
CA GLN A 705 17.24 16.36 -0.45
C GLN A 705 17.05 15.71 -1.82
N PRO A 706 17.67 14.54 -2.03
CA PRO A 706 17.61 13.89 -3.35
C PRO A 706 16.16 13.52 -3.67
N ASN A 707 15.60 14.11 -4.73
CA ASN A 707 14.21 13.87 -5.11
C ASN A 707 13.20 14.16 -4.00
N GLY A 708 13.61 15.01 -3.06
CA GLY A 708 12.76 15.38 -1.95
C GLY A 708 12.56 14.27 -0.94
N TYR A 709 13.37 13.20 -1.01
CA TYR A 709 13.23 12.06 -0.09
C TYR A 709 13.51 12.47 1.35
N THR A 710 12.68 12.00 2.28
CA THR A 710 12.76 12.40 3.68
C THR A 710 13.59 11.44 4.54
N GLU A 711 13.91 10.28 3.99
CA GLU A 711 14.61 9.25 4.75
C GLU A 711 15.98 9.68 5.30
N PRO A 712 16.80 10.31 4.47
CA PRO A 712 18.13 10.62 5.03
C PRO A 712 18.03 11.43 6.32
N ILE A 713 17.12 12.40 6.37
CA ILE A 713 16.95 13.22 7.56
C ILE A 713 16.26 12.47 8.70
N LEU A 714 15.13 11.84 8.39
CA LEU A 714 14.41 11.06 9.39
C LEU A 714 15.31 10.04 10.05
N HIS A 715 16.04 9.28 9.24
CA HIS A 715 16.86 8.20 9.77
C HIS A 715 17.91 8.75 10.74
N ARG A 716 18.65 9.74 10.27
CA ARG A 716 19.66 10.43 11.08
C ARG A 716 19.08 10.92 12.41
N ARG A 717 17.94 11.61 12.37
CA ARG A 717 17.33 12.15 13.58
C ARG A 717 16.82 11.07 14.54
N ARG A 718 16.25 10.00 14.00
CA ARG A 718 15.78 8.89 14.84
C ARG A 718 16.96 8.18 15.52
N ARG A 719 18.03 7.96 14.77
CA ARG A 719 19.23 7.36 15.35
C ARG A 719 19.75 8.29 16.44
N GLU A 720 19.74 9.60 16.17
CA GLU A 720 20.12 10.59 17.16
C GLU A 720 19.28 10.46 18.43
N PHE A 721 17.97 10.32 18.25
CA PHE A 721 17.08 10.22 19.40
C PHE A 721 17.35 8.95 20.20
N LYS A 722 17.64 7.86 19.48
CA LYS A 722 17.94 6.59 20.13
C LYS A 722 19.21 6.72 20.97
N ALA A 723 20.18 7.45 20.44
CA ALA A 723 21.48 7.59 21.10
C ALA A 723 21.36 8.47 22.34
N ARG A 724 20.44 9.43 22.30
CA ARG A 724 20.24 10.32 23.43
C ARG A 724 19.47 9.61 24.53
N ALA A 725 18.50 8.81 24.12
CA ALA A 725 17.69 8.04 25.06
C ALA A 725 18.56 7.03 25.81
N ALA A 726 19.57 6.49 25.12
CA ALA A 726 20.44 5.49 25.72
C ALA A 726 21.20 6.02 26.93
N GLU A 727 21.71 7.25 26.83
CA GLU A 727 22.51 7.84 27.90
C GLU A 727 21.65 8.44 29.02
#